data_6WF3
#
_entry.id   6WF3
#
_cell.length_a   48.547
_cell.length_b   124.17
_cell.length_c   109.085
_cell.angle_alpha   90
_cell.angle_beta   100.92
_cell.angle_gamma   90
#
_symmetry.space_group_name_H-M   'P 1 21 1'
#
loop_
_entity.id
_entity.type
_entity.pdbx_description
1 polymer 'N-alpha-acetyltransferase 50'
2 polymer ACE-MET-LEU-GLY-PRO-NH2
3 non-polymer 'COENZYME A'
4 water water
#
loop_
_entity_poly.entity_id
_entity_poly.type
_entity_poly.pdbx_seq_one_letter_code
_entity_poly.pdbx_strand_id
1 'polypeptide(L)'
;GSMKGSRIELGDVTPHNIKQLKRLNQVIFPVSYNDKFYKDVLEVGELAKLAYFNDIAVGAVCCRVDHSQNQKRLYIMTLG
CLAPYRRLGIGTKMLNHVLNICEKDGTFDNIYLHVQISNESAIDFYRKFGFEIIETKKNYYKRIEPADAHVLQKNLKVPS
GQNADVQKTDN
;
A,B,C,D,E,F
2 'polypeptide(L)' (ACE)MLGP(NH2) G,H,I,J,K,L
#
# COMPACT_ATOMS: atom_id res chain seq x y z
N ARG A 7 0.13 6.20 12.87
CA ARG A 7 0.84 5.84 14.11
C ARG A 7 0.70 4.38 14.51
N ILE A 8 -0.29 3.70 13.95
CA ILE A 8 -0.61 2.32 14.24
C ILE A 8 -0.06 1.45 13.13
N GLU A 9 0.75 0.45 13.48
CA GLU A 9 1.33 -0.49 12.56
C GLU A 9 1.12 -1.89 13.06
N LEU A 10 0.83 -2.83 12.17
CA LEU A 10 0.74 -4.24 12.54
C LEU A 10 2.02 -4.94 12.18
N GLY A 11 2.45 -5.86 13.02
CA GLY A 11 3.67 -6.61 12.76
C GLY A 11 3.47 -8.08 13.04
N ASP A 12 4.36 -8.92 12.48
CA ASP A 12 4.29 -10.36 12.69
C ASP A 12 4.68 -10.77 14.10
N VAL A 13 4.08 -11.88 14.52
CA VAL A 13 4.37 -12.58 15.77
C VAL A 13 5.46 -13.60 15.41
N THR A 14 6.59 -13.52 16.11
CA THR A 14 7.77 -14.36 15.89
C THR A 14 8.30 -14.84 17.26
N PRO A 15 9.26 -15.79 17.32
CA PRO A 15 9.85 -16.15 18.63
C PRO A 15 10.53 -14.97 19.35
N HIS A 16 10.90 -13.91 18.61
CA HIS A 16 11.54 -12.74 19.17
C HIS A 16 10.57 -11.87 19.95
N ASN A 17 9.29 -11.82 19.55
CA ASN A 17 8.31 -10.96 20.23
C ASN A 17 7.11 -11.72 20.84
N ILE A 18 7.11 -13.05 20.79
CA ILE A 18 6.03 -13.86 21.35
C ILE A 18 5.80 -13.60 22.88
N LYS A 19 6.85 -13.21 23.64
CA LYS A 19 6.70 -12.93 25.07
C LYS A 19 5.89 -11.66 25.32
N GLN A 20 6.06 -10.68 24.44
CA GLN A 20 5.34 -9.42 24.43
C GLN A 20 3.82 -9.69 24.16
N LEU A 21 3.50 -10.69 23.31
CA LEU A 21 2.13 -11.10 23.01
C LEU A 21 1.48 -11.76 24.23
N LYS A 22 2.19 -12.67 24.89
CA LYS A 22 1.71 -13.34 26.09
C LYS A 22 1.45 -12.32 27.20
N ARG A 23 2.32 -11.31 27.34
CA ARG A 23 2.15 -10.25 28.32
C ARG A 23 0.87 -9.43 28.04
N LEU A 24 0.63 -9.07 26.78
CA LEU A 24 -0.56 -8.29 26.40
C LEU A 24 -1.83 -9.09 26.67
N ASN A 25 -1.88 -10.36 26.25
CA ASN A 25 -3.06 -11.19 26.45
C ASN A 25 -3.35 -11.40 27.96
N GLN A 26 -2.29 -11.49 28.80
CA GLN A 26 -2.42 -11.69 30.25
C GLN A 26 -3.13 -10.53 30.94
N VAL A 27 -2.86 -9.31 30.48
CA VAL A 27 -3.42 -8.07 30.98
C VAL A 27 -4.82 -7.77 30.40
N ILE A 28 -4.99 -7.91 29.07
CA ILE A 28 -6.26 -7.62 28.41
C ILE A 28 -7.36 -8.66 28.67
N PHE A 29 -7.03 -9.95 28.64
CA PHE A 29 -8.03 -11.00 28.77
C PHE A 29 -8.06 -11.69 30.15
N PRO A 30 -9.21 -11.71 30.85
CA PRO A 30 -9.26 -12.39 32.15
C PRO A 30 -8.96 -13.90 32.10
N VAL A 31 -9.14 -14.58 30.94
CA VAL A 31 -8.84 -15.99 30.84
C VAL A 31 -7.39 -16.21 30.37
N SER A 32 -6.67 -17.18 31.01
CA SER A 32 -5.28 -17.54 30.73
C SER A 32 -5.14 -18.63 29.67
N TYR A 33 -4.12 -18.49 28.82
CA TYR A 33 -3.87 -19.44 27.75
C TYR A 33 -2.60 -20.27 27.98
N ASN A 34 -2.66 -21.57 27.66
CA ASN A 34 -1.55 -22.52 27.88
C ASN A 34 -0.38 -22.33 26.88
N ASP A 35 0.76 -23.02 27.11
CA ASP A 35 1.91 -22.92 26.20
C ASP A 35 1.58 -23.39 24.77
N LYS A 36 0.65 -24.34 24.61
CA LYS A 36 0.28 -24.82 23.28
C LYS A 36 -0.41 -23.72 22.46
N PHE A 37 -1.21 -22.85 23.10
CA PHE A 37 -1.89 -21.74 22.44
C PHE A 37 -0.85 -20.83 21.74
N TYR A 38 0.20 -20.46 22.46
CA TYR A 38 1.26 -19.58 21.96
C TYR A 38 2.20 -20.25 20.96
N LYS A 39 2.37 -21.59 21.06
CA LYS A 39 3.18 -22.38 20.12
C LYS A 39 2.45 -22.39 18.76
N ASP A 40 1.12 -22.59 18.79
CA ASP A 40 0.28 -22.61 17.60
C ASP A 40 0.18 -21.23 16.92
N VAL A 41 0.28 -20.14 17.71
CA VAL A 41 0.22 -18.77 17.20
C VAL A 41 1.41 -18.47 16.22
N LEU A 42 2.57 -19.08 16.49
CA LEU A 42 3.77 -18.94 15.65
C LEU A 42 3.67 -19.76 14.33
N GLU A 43 2.72 -20.70 14.24
CA GLU A 43 2.50 -21.58 13.09
C GLU A 43 1.36 -21.12 12.16
N VAL A 44 0.58 -20.07 12.52
CA VAL A 44 -0.56 -19.62 11.70
C VAL A 44 -0.25 -18.53 10.66
N GLY A 45 0.96 -17.96 10.66
CA GLY A 45 1.32 -16.92 9.70
C GLY A 45 0.60 -15.59 9.88
N GLU A 46 -0.13 -15.13 8.84
CA GLU A 46 -0.87 -13.86 8.84
C GLU A 46 -2.13 -13.88 9.76
N LEU A 47 -2.48 -15.05 10.32
CA LEU A 47 -3.60 -15.13 11.25
C LEU A 47 -3.23 -14.63 12.68
N ALA A 48 -2.01 -14.12 12.92
CA ALA A 48 -1.62 -13.56 14.21
C ALA A 48 -0.77 -12.29 14.02
N LYS A 49 -1.15 -11.17 14.65
CA LYS A 49 -0.40 -9.91 14.48
C LYS A 49 -0.31 -9.15 15.79
N LEU A 50 0.75 -8.35 15.93
CA LEU A 50 0.89 -7.41 17.02
C LEU A 50 0.54 -6.04 16.47
N ALA A 51 -0.03 -5.17 17.31
CA ALA A 51 -0.35 -3.82 16.92
C ALA A 51 0.56 -2.92 17.73
N TYR A 52 1.21 -2.00 17.04
CA TYR A 52 2.15 -1.07 17.64
C TYR A 52 1.60 0.33 17.59
N PHE A 53 1.62 1.06 18.70
CA PHE A 53 1.23 2.47 18.75
C PHE A 53 2.54 3.16 19.01
N ASN A 54 3.01 3.97 18.04
CA ASN A 54 4.29 4.69 18.12
C ASN A 54 5.46 3.78 18.54
N ASP A 55 5.53 2.56 17.93
CA ASP A 55 6.54 1.52 18.15
C ASP A 55 6.42 0.78 19.50
N ILE A 56 5.33 1.01 20.26
CA ILE A 56 5.07 0.30 21.52
C ILE A 56 4.04 -0.77 21.21
N ALA A 57 4.25 -2.05 21.62
CA ALA A 57 3.23 -3.07 21.37
C ALA A 57 2.10 -2.88 22.38
N VAL A 58 0.88 -2.54 21.88
CA VAL A 58 -0.28 -2.27 22.72
C VAL A 58 -1.50 -3.17 22.44
N GLY A 59 -1.44 -4.00 21.43
CA GLY A 59 -2.53 -4.90 21.09
C GLY A 59 -2.08 -6.09 20.26
N ALA A 60 -2.99 -7.04 20.04
CA ALA A 60 -2.68 -8.25 19.28
C ALA A 60 -3.97 -8.96 18.83
N VAL A 61 -3.86 -9.78 17.79
CA VAL A 61 -4.99 -10.53 17.27
C VAL A 61 -4.48 -11.92 16.92
N CYS A 62 -5.17 -12.99 17.37
CA CYS A 62 -4.80 -14.39 17.11
C CYS A 62 -6.01 -15.12 16.60
N CYS A 63 -5.88 -15.72 15.43
CA CYS A 63 -6.96 -16.43 14.77
C CYS A 63 -6.56 -17.82 14.41
N ARG A 64 -7.55 -18.67 14.15
CA ARG A 64 -7.29 -20.02 13.67
C ARG A 64 -8.43 -20.42 12.72
N VAL A 65 -8.13 -21.33 11.80
CA VAL A 65 -9.10 -21.85 10.86
C VAL A 65 -9.90 -22.90 11.64
N ASP A 66 -11.21 -22.89 11.44
CA ASP A 66 -12.10 -23.82 12.11
C ASP A 66 -12.94 -24.55 11.09
N HIS A 67 -13.11 -25.86 11.29
CA HIS A 67 -13.93 -26.68 10.42
C HIS A 67 -15.08 -27.21 11.28
N SER A 68 -16.18 -26.47 11.28
CA SER A 68 -17.39 -26.83 12.04
C SER A 68 -18.61 -26.44 11.22
N GLN A 69 -19.79 -26.99 11.56
CA GLN A 69 -21.04 -26.68 10.83
C GLN A 69 -20.92 -26.93 9.32
N ASN A 70 -20.02 -27.84 8.89
CA ASN A 70 -19.74 -28.13 7.47
C ASN A 70 -19.33 -26.85 6.73
N GLN A 71 -18.53 -26.01 7.40
CA GLN A 71 -18.08 -24.72 6.91
C GLN A 71 -16.60 -24.50 7.15
N LYS A 72 -15.99 -23.60 6.37
CA LYS A 72 -14.62 -23.18 6.63
C LYS A 72 -14.77 -21.81 7.28
N ARG A 73 -14.42 -21.71 8.55
CA ARG A 73 -14.66 -20.48 9.30
C ARG A 73 -13.38 -19.92 9.86
N LEU A 74 -13.30 -18.59 10.00
CA LEU A 74 -12.14 -18.01 10.63
C LEU A 74 -12.56 -17.68 12.04
N TYR A 75 -11.88 -18.23 13.04
CA TYR A 75 -12.24 -17.97 14.44
C TYR A 75 -11.25 -17.01 15.04
N ILE A 76 -11.72 -15.91 15.64
CA ILE A 76 -10.86 -14.96 16.32
C ILE A 76 -10.83 -15.36 17.80
N MET A 77 -9.68 -15.93 18.23
CA MET A 77 -9.43 -16.42 19.58
C MET A 77 -9.22 -15.27 20.51
N THR A 78 -8.39 -14.31 20.12
CA THR A 78 -8.15 -13.12 20.92
C THR A 78 -7.97 -11.92 19.97
N LEU A 79 -8.56 -10.76 20.30
CA LEU A 79 -8.36 -9.50 19.58
C LEU A 79 -8.53 -8.46 20.66
N GLY A 80 -7.44 -7.80 21.03
CA GLY A 80 -7.48 -6.86 22.14
C GLY A 80 -6.46 -5.76 22.05
N CYS A 81 -6.73 -4.73 22.83
CA CYS A 81 -5.93 -3.52 22.91
C CYS A 81 -5.82 -3.15 24.39
N LEU A 82 -4.65 -2.65 24.85
CA LEU A 82 -4.46 -2.14 26.23
C LEU A 82 -5.44 -1.00 26.43
N ALA A 83 -6.18 -1.00 27.56
CA ALA A 83 -7.21 -0.01 27.91
C ALA A 83 -6.86 1.45 27.62
N PRO A 84 -5.72 2.02 28.07
CA PRO A 84 -5.43 3.43 27.75
C PRO A 84 -5.25 3.78 26.27
N TYR A 85 -5.10 2.77 25.41
CA TYR A 85 -4.93 3.04 23.98
C TYR A 85 -6.21 2.78 23.15
N ARG A 86 -7.32 2.46 23.83
CA ARG A 86 -8.60 2.16 23.21
C ARG A 86 -9.24 3.37 22.56
N ARG A 87 -10.10 3.18 21.54
CA ARG A 87 -10.74 4.27 20.79
C ARG A 87 -9.74 5.16 20.06
N LEU A 88 -8.71 4.55 19.53
CA LEU A 88 -7.72 5.20 18.66
C LEU A 88 -7.69 4.52 17.26
N GLY A 89 -8.40 3.41 17.07
CA GLY A 89 -8.40 2.69 15.80
C GLY A 89 -7.52 1.46 15.75
N ILE A 90 -6.86 1.11 16.87
CA ILE A 90 -6.02 -0.07 16.92
C ILE A 90 -6.85 -1.33 16.66
N GLY A 91 -8.00 -1.46 17.33
CA GLY A 91 -8.86 -2.62 17.13
C GLY A 91 -9.34 -2.75 15.70
N THR A 92 -9.70 -1.62 15.09
CA THR A 92 -10.11 -1.50 13.68
C THR A 92 -8.99 -1.93 12.75
N LYS A 93 -7.77 -1.52 13.02
CA LYS A 93 -6.61 -1.91 12.19
C LYS A 93 -6.44 -3.45 12.18
N MET A 94 -6.55 -4.07 13.36
CA MET A 94 -6.41 -5.52 13.49
C MET A 94 -7.57 -6.25 12.84
N LEU A 95 -8.81 -5.76 13.04
CA LEU A 95 -9.97 -6.40 12.42
C LEU A 95 -9.95 -6.26 10.89
N ASN A 96 -9.59 -5.09 10.37
CA ASN A 96 -9.51 -4.91 8.90
C ASN A 96 -8.46 -5.84 8.31
N HIS A 97 -7.37 -6.12 9.04
CA HIS A 97 -6.37 -7.07 8.58
C HIS A 97 -7.00 -8.46 8.40
N VAL A 98 -7.75 -8.94 9.41
CA VAL A 98 -8.37 -10.26 9.30
C VAL A 98 -9.42 -10.24 8.16
N LEU A 99 -10.24 -9.19 8.06
CA LEU A 99 -11.24 -9.09 6.99
C LEU A 99 -10.57 -9.13 5.61
N ASN A 100 -9.45 -8.40 5.43
CA ASN A 100 -8.67 -8.36 4.18
C ASN A 100 -8.13 -9.72 3.80
N ILE A 101 -7.60 -10.49 4.77
CA ILE A 101 -7.10 -11.84 4.54
C ILE A 101 -8.20 -12.75 4.06
N CYS A 102 -9.37 -12.66 4.67
CA CYS A 102 -10.51 -13.47 4.27
C CYS A 102 -11.04 -13.07 2.90
N GLU A 103 -11.04 -11.77 2.59
CA GLU A 103 -11.50 -11.24 1.30
C GLU A 103 -10.61 -11.75 0.19
N LYS A 104 -9.30 -11.74 0.42
CA LYS A 104 -8.33 -12.22 -0.57
C LYS A 104 -8.26 -13.75 -0.64
N ASP A 105 -8.56 -14.44 0.45
CA ASP A 105 -8.51 -15.91 0.47
C ASP A 105 -9.72 -16.47 -0.31
N GLY A 106 -10.91 -15.94 -0.02
CA GLY A 106 -12.15 -16.27 -0.70
C GLY A 106 -12.81 -17.60 -0.39
N THR A 107 -12.24 -18.39 0.54
CA THR A 107 -12.82 -19.71 0.84
C THR A 107 -13.52 -19.79 2.20
N PHE A 108 -13.42 -18.74 3.04
CA PHE A 108 -14.08 -18.72 4.35
C PHE A 108 -15.56 -18.36 4.19
N ASP A 109 -16.44 -19.12 4.83
CA ASP A 109 -17.88 -18.88 4.82
C ASP A 109 -18.25 -17.77 5.80
N ASN A 110 -17.53 -17.69 6.94
CA ASN A 110 -17.80 -16.73 7.97
C ASN A 110 -16.61 -16.57 8.91
N ILE A 111 -16.66 -15.50 9.73
CA ILE A 111 -15.73 -15.14 10.80
C ILE A 111 -16.59 -15.14 12.08
N TYR A 112 -16.05 -15.69 13.17
CA TYR A 112 -16.80 -15.73 14.43
C TYR A 112 -15.87 -15.74 15.65
N LEU A 113 -16.45 -15.49 16.84
CA LEU A 113 -15.71 -15.31 18.08
C LEU A 113 -16.67 -15.37 19.28
N HIS A 114 -16.12 -15.32 20.48
CA HIS A 114 -16.90 -15.36 21.70
C HIS A 114 -16.52 -14.16 22.55
N VAL A 115 -17.52 -13.55 23.20
CA VAL A 115 -17.28 -12.47 24.17
C VAL A 115 -18.23 -12.70 25.33
N GLN A 116 -17.87 -12.21 26.53
CA GLN A 116 -18.78 -12.26 27.67
C GLN A 116 -20.01 -11.38 27.36
N ILE A 117 -21.19 -11.83 27.80
CA ILE A 117 -22.44 -11.09 27.57
C ILE A 117 -22.42 -9.66 28.13
N SER A 118 -21.50 -9.34 29.05
CA SER A 118 -21.33 -8.01 29.65
C SER A 118 -20.40 -7.08 28.84
N ASN A 119 -19.78 -7.57 27.76
CA ASN A 119 -18.82 -6.80 26.97
C ASN A 119 -19.52 -5.96 25.95
N GLU A 120 -20.06 -4.85 26.40
CA GLU A 120 -20.78 -3.90 25.59
C GLU A 120 -19.88 -3.25 24.56
N SER A 121 -18.63 -2.91 24.95
CA SER A 121 -17.70 -2.31 24.00
C SER A 121 -17.33 -3.27 22.87
N ALA A 122 -17.23 -4.59 23.15
CA ALA A 122 -16.94 -5.58 22.11
C ALA A 122 -18.12 -5.78 21.19
N ILE A 123 -19.35 -5.78 21.73
CA ILE A 123 -20.55 -5.90 20.92
C ILE A 123 -20.63 -4.71 19.95
N ASP A 124 -20.48 -3.47 20.47
CA ASP A 124 -20.48 -2.21 19.72
C ASP A 124 -19.44 -2.22 18.60
N PHE A 125 -18.20 -2.59 18.93
CA PHE A 125 -17.10 -2.69 17.99
C PHE A 125 -17.43 -3.64 16.83
N TYR A 126 -17.75 -4.92 17.11
CA TYR A 126 -18.00 -5.90 16.07
C TYR A 126 -19.25 -5.59 15.24
N ARG A 127 -20.33 -5.09 15.86
CA ARG A 127 -21.56 -4.75 15.15
C ARG A 127 -21.37 -3.62 14.12
N LYS A 128 -20.39 -2.76 14.33
CA LYS A 128 -20.01 -1.70 13.40
C LYS A 128 -19.38 -2.30 12.11
N PHE A 129 -18.85 -3.54 12.20
CA PHE A 129 -18.24 -4.25 11.07
C PHE A 129 -19.17 -5.26 10.41
N GLY A 130 -20.45 -5.29 10.78
CA GLY A 130 -21.41 -6.21 10.19
C GLY A 130 -21.58 -7.53 10.91
N PHE A 131 -20.98 -7.66 12.09
CA PHE A 131 -21.11 -8.89 12.87
C PHE A 131 -22.45 -8.90 13.59
N GLU A 132 -23.01 -10.09 13.80
CA GLU A 132 -24.26 -10.25 14.51
C GLU A 132 -24.11 -11.22 15.64
N ILE A 133 -24.88 -11.05 16.73
CA ILE A 133 -24.91 -12.03 17.79
C ILE A 133 -25.80 -13.15 17.24
N ILE A 134 -25.23 -14.34 16.97
CA ILE A 134 -26.02 -15.45 16.42
C ILE A 134 -26.46 -16.47 17.46
N GLU A 135 -25.90 -16.40 18.68
CA GLU A 135 -26.17 -17.34 19.75
C GLU A 135 -25.66 -16.77 21.05
N THR A 136 -26.23 -17.24 22.17
CA THR A 136 -25.75 -16.95 23.51
C THR A 136 -25.54 -18.31 24.17
N LYS A 137 -24.30 -18.63 24.51
CA LYS A 137 -23.90 -19.90 25.12
C LYS A 137 -23.79 -19.73 26.61
N LYS A 138 -24.58 -20.49 27.36
CA LYS A 138 -24.57 -20.43 28.81
C LYS A 138 -23.35 -21.14 29.39
N ASN A 139 -22.78 -20.59 30.47
CA ASN A 139 -21.61 -21.17 31.13
C ASN A 139 -20.45 -21.50 30.16
N TYR A 140 -20.18 -20.60 29.19
CA TYR A 140 -19.11 -20.83 28.22
C TYR A 140 -17.76 -20.69 28.91
N TYR A 141 -17.60 -19.67 29.75
CA TYR A 141 -16.39 -19.42 30.53
C TYR A 141 -16.49 -20.16 31.88
N LYS A 142 -15.36 -20.62 32.43
CA LYS A 142 -15.41 -21.47 33.60
C LYS A 142 -15.20 -20.81 34.97
N ARG A 143 -14.19 -19.97 35.14
CA ARG A 143 -13.94 -19.39 36.48
C ARG A 143 -14.16 -17.90 36.57
N ILE A 144 -14.76 -17.28 35.56
CA ILE A 144 -15.00 -15.84 35.57
C ILE A 144 -16.49 -15.52 35.48
N GLU A 145 -16.86 -14.29 35.89
CA GLU A 145 -18.25 -13.87 35.82
C GLU A 145 -18.43 -12.54 35.04
N PRO A 146 -19.40 -12.50 34.11
CA PRO A 146 -20.31 -13.57 33.73
C PRO A 146 -19.64 -14.69 32.94
N ALA A 147 -20.16 -15.89 33.13
CA ALA A 147 -19.70 -17.08 32.46
C ALA A 147 -20.36 -17.22 31.07
N ASP A 148 -21.54 -16.61 30.87
CA ASP A 148 -22.27 -16.65 29.61
C ASP A 148 -21.57 -15.84 28.53
N ALA A 149 -21.62 -16.34 27.30
CA ALA A 149 -20.97 -15.69 26.19
C ALA A 149 -21.83 -15.59 24.96
N HIS A 150 -21.75 -14.48 24.24
CA HIS A 150 -22.40 -14.32 22.96
C HIS A 150 -21.44 -14.83 21.89
N VAL A 151 -21.97 -15.42 20.84
CA VAL A 151 -21.20 -15.81 19.69
C VAL A 151 -21.50 -14.75 18.62
N LEU A 152 -20.48 -13.99 18.22
CA LEU A 152 -20.63 -12.94 17.20
C LEU A 152 -20.10 -13.49 15.90
N GLN A 153 -20.83 -13.29 14.82
CA GLN A 153 -20.44 -13.83 13.54
C GLN A 153 -20.73 -12.85 12.40
N LYS A 154 -19.82 -12.81 11.42
CA LYS A 154 -20.01 -12.03 10.22
C LYS A 154 -19.98 -13.02 9.08
N ASN A 155 -21.05 -13.06 8.31
CA ASN A 155 -21.12 -13.90 7.14
C ASN A 155 -20.35 -13.29 5.97
N LEU A 156 -19.56 -14.10 5.28
CA LEU A 156 -18.82 -13.67 4.10
C LEU A 156 -19.44 -14.48 2.96
N ARG B 7 6.39 17.42 6.14
CA ARG B 7 5.91 17.45 4.76
C ARG B 7 5.87 16.04 4.13
N ILE B 8 6.69 15.11 4.64
CA ILE B 8 6.80 13.74 4.10
C ILE B 8 6.13 12.68 4.98
N GLU B 9 5.18 11.95 4.39
CA GLU B 9 4.45 10.89 5.07
C GLU B 9 4.40 9.64 4.22
N LEU B 10 4.19 8.49 4.85
CA LEU B 10 3.98 7.24 4.13
C LEU B 10 2.49 6.84 4.21
N GLY B 11 2.01 6.16 3.19
CA GLY B 11 0.63 5.71 3.15
C GLY B 11 0.48 4.27 2.68
N ASP B 12 -0.61 3.65 3.09
CA ASP B 12 -0.89 2.27 2.72
C ASP B 12 -1.14 2.13 1.22
N VAL B 13 -0.79 0.96 0.67
CA VAL B 13 -1.10 0.66 -0.73
C VAL B 13 -2.41 -0.16 -0.66
N THR B 14 -3.45 0.32 -1.34
CA THR B 14 -4.80 -0.27 -1.37
C THR B 14 -5.21 -0.52 -2.84
N PRO B 15 -6.31 -1.27 -3.09
CA PRO B 15 -6.74 -1.46 -4.48
C PRO B 15 -7.17 -0.14 -5.13
N HIS B 16 -7.50 0.87 -4.32
CA HIS B 16 -7.91 2.20 -4.77
C HIS B 16 -6.72 3.00 -5.38
N ASN B 17 -5.52 2.89 -4.77
CA ASN B 17 -4.34 3.63 -5.24
C ASN B 17 -3.24 2.78 -5.90
N ILE B 18 -3.49 1.49 -6.20
CA ILE B 18 -2.47 0.61 -6.81
C ILE B 18 -2.09 1.08 -8.22
N LYS B 19 -3.01 1.72 -8.96
CA LYS B 19 -2.73 2.24 -10.30
C LYS B 19 -1.70 3.40 -10.24
N GLN B 20 -1.80 4.22 -9.17
CA GLN B 20 -0.92 5.34 -8.89
C GLN B 20 0.50 4.80 -8.58
N LEU B 21 0.60 3.67 -7.85
CA LEU B 21 1.89 3.01 -7.54
C LEU B 21 2.54 2.49 -8.83
N LYS B 22 1.75 1.85 -9.71
CA LYS B 22 2.21 1.35 -11.01
C LYS B 22 2.67 2.50 -11.90
N ARG B 23 2.01 3.65 -11.84
CA ARG B 23 2.35 4.84 -12.60
C ARG B 23 3.70 5.37 -12.15
N LEU B 24 3.92 5.46 -10.83
CA LEU B 24 5.18 5.90 -10.25
C LEU B 24 6.33 4.96 -10.68
N ASN B 25 6.15 3.64 -10.56
CA ASN B 25 7.17 2.65 -10.95
C ASN B 25 7.49 2.72 -12.45
N GLN B 26 6.46 2.95 -13.27
CA GLN B 26 6.60 3.07 -14.71
C GLN B 26 7.55 4.20 -15.07
N VAL B 27 7.45 5.34 -14.36
CA VAL B 27 8.30 6.52 -14.54
C VAL B 27 9.69 6.35 -13.91
N ILE B 28 9.75 5.93 -12.63
CA ILE B 28 11.01 5.84 -11.90
C ILE B 28 11.94 4.72 -12.39
N PHE B 29 11.41 3.50 -12.63
CA PHE B 29 12.25 2.35 -13.01
C PHE B 29 12.20 1.97 -14.51
N PRO B 30 13.37 1.79 -15.17
CA PRO B 30 13.38 1.42 -16.59
C PRO B 30 12.86 0.01 -16.91
N VAL B 31 12.68 -0.85 -15.90
CA VAL B 31 12.10 -2.18 -16.15
C VAL B 31 10.58 -2.13 -15.91
N SER B 32 9.81 -3.01 -16.57
CA SER B 32 8.36 -3.03 -16.42
C SER B 32 7.90 -4.25 -15.62
N TYR B 33 6.92 -4.07 -14.74
CA TYR B 33 6.42 -5.17 -13.93
C TYR B 33 5.03 -5.63 -14.34
N ASN B 34 4.81 -6.96 -14.34
CA ASN B 34 3.56 -7.59 -14.73
C ASN B 34 2.41 -7.37 -13.70
N ASP B 35 1.16 -7.72 -14.04
CA ASP B 35 0.03 -7.56 -13.12
C ASP B 35 0.22 -8.41 -11.84
N LYS B 36 0.93 -9.54 -11.95
CA LYS B 36 1.18 -10.40 -10.79
C LYS B 36 2.00 -9.66 -9.74
N PHE B 37 2.96 -8.82 -10.17
CA PHE B 37 3.78 -8.03 -9.26
C PHE B 37 2.91 -7.14 -8.39
N TYR B 38 1.96 -6.44 -9.02
CA TYR B 38 1.08 -5.52 -8.33
C TYR B 38 0.00 -6.22 -7.50
N LYS B 39 -0.40 -7.44 -7.89
CA LYS B 39 -1.36 -8.24 -7.11
C LYS B 39 -0.68 -8.68 -5.81
N ASP B 40 0.61 -9.10 -5.89
CA ASP B 40 1.44 -9.51 -4.76
C ASP B 40 1.74 -8.36 -3.81
N VAL B 41 1.84 -7.14 -4.34
CA VAL B 41 2.13 -5.93 -3.55
C VAL B 41 0.97 -5.62 -2.54
N LEU B 42 -0.26 -6.02 -2.88
CA LEU B 42 -1.41 -5.86 -1.97
C LEU B 42 -1.46 -6.96 -0.87
N GLU B 43 -0.69 -8.06 -1.04
CA GLU B 43 -0.62 -9.14 -0.08
C GLU B 43 0.56 -9.01 0.90
N VAL B 44 1.49 -8.04 0.70
CA VAL B 44 2.64 -7.89 1.61
C VAL B 44 2.39 -6.95 2.79
N GLY B 45 1.23 -6.28 2.83
CA GLY B 45 0.88 -5.39 3.93
C GLY B 45 1.78 -4.20 4.09
N GLU B 46 2.36 -4.04 5.29
CA GLU B 46 3.26 -2.93 5.60
C GLU B 46 4.58 -2.95 4.81
N LEU B 47 4.88 -4.03 4.05
CA LEU B 47 6.10 -4.09 3.22
C LEU B 47 5.98 -3.36 1.89
N ALA B 48 4.80 -2.78 1.59
CA ALA B 48 4.61 -1.94 0.42
C ALA B 48 4.00 -0.64 0.92
N LYS B 49 4.61 0.51 0.58
CA LYS B 49 4.12 1.82 0.99
C LYS B 49 4.26 2.84 -0.12
N LEU B 50 3.40 3.85 -0.12
CA LEU B 50 3.49 4.97 -1.04
C LEU B 50 4.06 6.13 -0.22
N ALA B 51 4.88 6.96 -0.86
CA ALA B 51 5.48 8.13 -0.22
C ALA B 51 4.76 9.41 -0.70
N TYR B 52 4.50 10.33 0.24
CA TYR B 52 3.81 11.58 -0.07
C TYR B 52 4.62 12.82 0.30
N PHE B 53 4.70 13.77 -0.63
CA PHE B 53 5.36 15.07 -0.40
C PHE B 53 4.23 16.09 -0.52
N ASN B 54 3.77 16.66 0.62
CA ASN B 54 2.64 17.61 0.69
C ASN B 54 1.37 17.04 0.04
N ASP B 55 1.07 15.77 0.34
CA ASP B 55 -0.09 14.99 -0.10
C ASP B 55 -0.06 14.60 -1.59
N ILE B 56 1.09 14.73 -2.25
CA ILE B 56 1.27 14.32 -3.64
C ILE B 56 2.07 13.02 -3.59
N ALA B 57 1.62 11.96 -4.31
CA ALA B 57 2.32 10.68 -4.34
C ALA B 57 3.57 10.83 -5.22
N VAL B 58 4.76 10.73 -4.60
CA VAL B 58 6.02 10.94 -5.33
C VAL B 58 6.98 9.76 -5.30
N GLY B 59 6.74 8.80 -4.43
CA GLY B 59 7.58 7.62 -4.34
C GLY B 59 6.81 6.40 -3.88
N ALA B 60 7.48 5.26 -3.85
CA ALA B 60 6.88 4.01 -3.40
C ALA B 60 7.99 3.03 -3.05
N VAL B 61 7.67 2.11 -2.15
CA VAL B 61 8.60 1.05 -1.77
C VAL B 61 7.80 -0.27 -1.75
N CYS B 62 8.33 -1.32 -2.39
CA CYS B 62 7.71 -2.65 -2.45
C CYS B 62 8.77 -3.70 -2.10
N CYS B 63 8.51 -4.45 -1.03
CA CYS B 63 9.38 -5.50 -0.53
C CYS B 63 8.64 -6.82 -0.46
N ARG B 64 9.36 -7.91 -0.22
CA ARG B 64 8.80 -9.22 0.00
C ARG B 64 9.80 -10.02 0.85
N VAL B 65 9.29 -11.00 1.60
CA VAL B 65 10.14 -11.86 2.41
C VAL B 65 10.68 -12.93 1.47
N ASP B 66 11.96 -13.23 1.61
CA ASP B 66 12.60 -14.23 0.77
C ASP B 66 13.24 -15.31 1.65
N HIS B 67 13.07 -16.58 1.29
CA HIS B 67 13.65 -17.68 2.07
C HIS B 67 14.72 -18.39 1.24
N SER B 68 15.80 -17.68 0.91
CA SER B 68 16.89 -18.24 0.11
C SER B 68 18.17 -18.40 0.95
N GLN B 69 19.15 -19.21 0.46
CA GLN B 69 20.43 -19.46 1.12
C GLN B 69 20.29 -19.94 2.58
N ASN B 70 19.15 -20.63 2.90
CA ASN B 70 18.81 -21.11 4.26
C ASN B 70 18.72 -19.94 5.25
N GLN B 71 18.13 -18.83 4.77
CA GLN B 71 17.99 -17.59 5.54
C GLN B 71 16.59 -16.97 5.39
N LYS B 72 16.25 -16.05 6.30
CA LYS B 72 15.03 -15.27 6.17
C LYS B 72 15.52 -13.87 5.80
N ARG B 73 15.28 -13.45 4.57
CA ARG B 73 15.82 -12.21 4.05
C ARG B 73 14.71 -11.25 3.64
N LEU B 74 14.99 -9.93 3.70
CA LEU B 74 14.02 -8.98 3.18
C LEU B 74 14.52 -8.49 1.82
N TYR B 75 13.74 -8.75 0.78
CA TYR B 75 14.13 -8.33 -0.55
C TYR B 75 13.35 -7.09 -0.93
N ILE B 76 14.08 -6.01 -1.29
CA ILE B 76 13.48 -4.77 -1.73
C ILE B 76 13.34 -4.84 -3.25
N MET B 77 12.12 -5.09 -3.72
CA MET B 77 11.87 -5.20 -5.16
C MET B 77 12.02 -3.84 -5.80
N THR B 78 11.36 -2.81 -5.26
CA THR B 78 11.45 -1.46 -5.76
C THR B 78 11.46 -0.45 -4.58
N LEU B 79 12.26 0.61 -4.67
CA LEU B 79 12.33 1.70 -3.70
C LEU B 79 12.77 2.89 -4.53
N GLY B 80 11.89 3.85 -4.69
CA GLY B 80 12.17 4.97 -5.56
C GLY B 80 11.39 6.20 -5.24
N CYS B 81 11.90 7.30 -5.75
CA CYS B 81 11.36 8.63 -5.61
C CYS B 81 11.40 9.29 -7.01
N LEU B 82 10.41 10.15 -7.33
CA LEU B 82 10.41 10.90 -8.60
C LEU B 82 11.61 11.87 -8.58
N ALA B 83 12.32 11.99 -9.71
CA ALA B 83 13.55 12.81 -9.77
C ALA B 83 13.44 14.22 -9.16
N PRO B 84 12.36 15.02 -9.40
CA PRO B 84 12.32 16.36 -8.79
C PRO B 84 12.20 16.39 -7.28
N TYR B 85 11.84 15.26 -6.63
CA TYR B 85 11.68 15.23 -5.17
C TYR B 85 12.78 14.50 -4.43
N ARG B 86 13.86 14.09 -5.14
CA ARG B 86 14.99 13.41 -4.55
C ARG B 86 15.80 14.31 -3.63
N ARG B 87 16.60 13.70 -2.73
CA ARG B 87 17.40 14.42 -1.75
C ARG B 87 16.59 15.32 -0.81
N LEU B 88 15.37 14.90 -0.45
CA LEU B 88 14.48 15.55 0.53
C LEU B 88 14.18 14.60 1.74
N GLY B 89 14.76 13.41 1.76
CA GLY B 89 14.56 12.43 2.83
C GLY B 89 13.50 11.38 2.54
N ILE B 90 12.91 11.40 1.33
CA ILE B 90 11.83 10.45 1.01
C ILE B 90 12.33 9.02 0.96
N GLY B 91 13.45 8.78 0.30
CA GLY B 91 14.04 7.44 0.26
C GLY B 91 14.38 6.93 1.65
N THR B 92 14.87 7.86 2.51
CA THR B 92 15.24 7.58 3.89
C THR B 92 14.03 7.18 4.72
N LYS B 93 12.90 7.87 4.52
CA LYS B 93 11.65 7.62 5.23
C LYS B 93 11.18 6.21 4.93
N MET B 94 11.19 5.83 3.64
CA MET B 94 10.84 4.51 3.15
C MET B 94 11.79 3.40 3.63
N LEU B 95 13.11 3.62 3.65
CA LEU B 95 14.05 2.61 4.11
C LEU B 95 13.99 2.42 5.61
N ASN B 96 13.85 3.53 6.35
CA ASN B 96 13.71 3.48 7.80
C ASN B 96 12.43 2.71 8.18
N HIS B 97 11.36 2.83 7.38
CA HIS B 97 10.13 2.09 7.60
C HIS B 97 10.34 0.60 7.46
N VAL B 98 11.07 0.13 6.40
CA VAL B 98 11.25 -1.31 6.25
C VAL B 98 12.22 -1.85 7.32
N LEU B 99 13.25 -1.09 7.70
CA LEU B 99 14.17 -1.52 8.75
C LEU B 99 13.46 -1.60 10.09
N ASN B 100 12.49 -0.71 10.37
CA ASN B 100 11.76 -0.76 11.64
C ASN B 100 10.87 -2.02 11.73
N ILE B 101 10.31 -2.45 10.60
CA ILE B 101 9.52 -3.68 10.50
C ILE B 101 10.41 -4.90 10.84
N CYS B 102 11.63 -4.94 10.28
CA CYS B 102 12.59 -6.02 10.50
C CYS B 102 13.04 -6.06 11.97
N GLU B 103 13.26 -4.89 12.57
CA GLU B 103 13.68 -4.79 13.96
C GLU B 103 12.61 -5.32 14.94
N LYS B 104 11.33 -5.00 14.71
CA LYS B 104 10.23 -5.48 15.55
C LYS B 104 10.04 -6.99 15.38
N ASP B 105 10.24 -7.49 14.16
CA ASP B 105 10.11 -8.91 13.81
C ASP B 105 11.25 -9.71 14.50
N GLY B 106 12.50 -9.25 14.32
CA GLY B 106 13.69 -9.83 14.93
C GLY B 106 14.22 -11.13 14.34
N THR B 107 13.62 -11.66 13.27
CA THR B 107 14.06 -12.92 12.70
C THR B 107 14.68 -12.81 11.31
N PHE B 108 14.98 -11.59 10.83
CA PHE B 108 15.58 -11.45 9.51
C PHE B 108 17.10 -11.52 9.65
N ASP B 109 17.74 -12.19 8.71
CA ASP B 109 19.20 -12.34 8.68
C ASP B 109 19.83 -11.14 8.00
N ASN B 110 19.23 -10.70 6.89
CA ASN B 110 19.74 -9.58 6.11
C ASN B 110 18.62 -8.97 5.24
N ILE B 111 18.92 -7.82 4.64
CA ILE B 111 18.09 -7.14 3.68
C ILE B 111 18.95 -6.90 2.45
N TYR B 112 18.40 -7.18 1.25
CA TYR B 112 19.13 -7.04 0.00
C TYR B 112 18.23 -6.56 -1.17
N LEU B 113 18.87 -6.10 -2.24
CA LEU B 113 18.24 -5.55 -3.45
C LEU B 113 19.27 -5.66 -4.62
N HIS B 114 18.80 -5.34 -5.82
CA HIS B 114 19.61 -5.29 -7.04
C HIS B 114 19.53 -3.88 -7.60
N VAL B 115 20.61 -3.39 -8.18
CA VAL B 115 20.64 -2.09 -8.87
C VAL B 115 21.54 -2.24 -10.09
N GLN B 116 21.29 -1.47 -11.16
CA GLN B 116 22.23 -1.45 -12.30
C GLN B 116 23.59 -0.94 -11.81
N ILE B 117 24.69 -1.49 -12.34
CA ILE B 117 26.02 -1.07 -11.90
C ILE B 117 26.31 0.43 -12.14
N SER B 118 25.49 1.09 -12.99
CA SER B 118 25.62 2.50 -13.32
C SER B 118 24.85 3.44 -12.36
N ASN B 119 24.06 2.89 -11.42
CA ASN B 119 23.26 3.69 -10.50
C ASN B 119 24.06 4.14 -9.29
N GLU B 120 24.91 5.14 -9.49
CA GLU B 120 25.76 5.73 -8.47
C GLU B 120 24.98 6.30 -7.28
N SER B 121 23.84 6.98 -7.53
CA SER B 121 23.07 7.54 -6.43
C SER B 121 22.48 6.49 -5.49
N ALA B 122 22.10 5.33 -6.02
CA ALA B 122 21.54 4.25 -5.21
C ALA B 122 22.60 3.58 -4.39
N ILE B 123 23.82 3.44 -4.94
CA ILE B 123 24.95 2.88 -4.20
C ILE B 123 25.27 3.79 -3.02
N ASP B 124 25.30 5.11 -3.26
CA ASP B 124 25.54 6.16 -2.27
C ASP B 124 24.47 6.13 -1.19
N PHE B 125 23.20 6.02 -1.61
CA PHE B 125 22.07 5.96 -0.70
C PHE B 125 22.18 4.76 0.21
N TYR B 126 22.31 3.55 -0.35
CA TYR B 126 22.38 2.32 0.43
C TYR B 126 23.64 2.20 1.29
N ARG B 127 24.78 2.61 0.77
CA ARG B 127 26.02 2.57 1.53
C ARG B 127 25.95 3.47 2.81
N LYS B 128 25.22 4.59 2.76
CA LYS B 128 25.04 5.45 3.94
C LYS B 128 24.29 4.71 5.09
N PHE B 129 23.54 3.65 4.75
CA PHE B 129 22.78 2.82 5.66
C PHE B 129 23.50 1.51 6.06
N GLY B 130 24.75 1.33 5.64
CA GLY B 130 25.52 0.15 6.01
C GLY B 130 25.38 -1.02 5.06
N PHE B 131 24.80 -0.79 3.85
CA PHE B 131 24.73 -1.86 2.85
C PHE B 131 26.12 -1.92 2.16
N GLU B 132 26.49 -3.10 1.71
CA GLU B 132 27.72 -3.30 0.98
C GLU B 132 27.39 -4.03 -0.33
N ILE B 133 28.21 -3.79 -1.38
CA ILE B 133 28.07 -4.54 -2.62
C ILE B 133 28.72 -5.90 -2.30
N ILE B 134 27.92 -6.96 -2.32
CA ILE B 134 28.42 -8.30 -2.01
C ILE B 134 28.61 -9.16 -3.29
N GLU B 135 28.17 -8.67 -4.46
CA GLU B 135 28.24 -9.39 -5.72
C GLU B 135 27.90 -8.47 -6.90
N THR B 136 28.48 -8.75 -8.09
CA THR B 136 28.12 -8.06 -9.33
C THR B 136 27.67 -9.16 -10.31
N LYS B 137 26.38 -9.22 -10.56
CA LYS B 137 25.73 -10.20 -11.44
C LYS B 137 25.73 -9.68 -12.85
N LYS B 138 26.36 -10.39 -13.78
CA LYS B 138 26.39 -9.99 -15.18
C LYS B 138 25.11 -10.37 -15.89
N ASN B 139 24.65 -9.53 -16.82
CA ASN B 139 23.42 -9.77 -17.58
C ASN B 139 22.21 -10.12 -16.68
N TYR B 140 22.01 -9.35 -15.59
CA TYR B 140 20.88 -9.55 -14.68
C TYR B 140 19.60 -8.95 -15.29
N TYR B 141 19.71 -7.75 -15.85
CA TYR B 141 18.61 -7.12 -16.56
C TYR B 141 18.66 -7.61 -18.02
N LYS B 142 17.52 -7.73 -18.71
CA LYS B 142 17.53 -8.34 -20.04
C LYS B 142 17.41 -7.39 -21.23
N ARG B 143 16.42 -6.48 -21.23
CA ARG B 143 16.24 -5.59 -22.37
C ARG B 143 16.80 -4.19 -22.15
N ILE B 144 17.56 -3.96 -21.07
CA ILE B 144 18.12 -2.64 -20.78
C ILE B 144 19.66 -2.69 -20.64
N GLU B 145 20.30 -1.53 -20.79
CA GLU B 145 21.74 -1.40 -20.68
C GLU B 145 22.06 -0.27 -19.67
N PRO B 146 22.97 -0.48 -18.70
CA PRO B 146 23.72 -1.72 -18.45
C PRO B 146 22.84 -2.82 -17.88
N ALA B 147 23.10 -4.03 -18.36
CA ALA B 147 22.37 -5.21 -17.93
C ALA B 147 22.95 -5.76 -16.61
N ASP B 148 24.21 -5.44 -16.29
CA ASP B 148 24.87 -5.90 -15.08
C ASP B 148 24.29 -5.22 -13.82
N ALA B 149 24.17 -5.98 -12.75
CA ALA B 149 23.60 -5.49 -11.51
C ALA B 149 24.50 -5.72 -10.31
N HIS B 150 24.50 -4.76 -9.39
CA HIS B 150 25.19 -4.91 -8.12
C HIS B 150 24.16 -5.53 -7.16
N VAL B 151 24.61 -6.32 -6.19
CA VAL B 151 23.76 -6.89 -5.18
C VAL B 151 24.20 -6.21 -3.91
N LEU B 152 23.34 -5.33 -3.33
CA LEU B 152 23.64 -4.62 -2.09
C LEU B 152 22.95 -5.29 -0.91
N GLN B 153 23.67 -5.45 0.21
CA GLN B 153 23.13 -6.14 1.36
C GLN B 153 23.57 -5.54 2.66
N LYS B 154 22.65 -5.50 3.63
CA LYS B 154 22.89 -5.06 4.98
C LYS B 154 22.57 -6.25 5.86
N ASN B 155 23.50 -6.65 6.73
CA ASN B 155 23.26 -7.76 7.64
C ASN B 155 22.53 -7.26 8.88
N LEU B 156 21.51 -8.01 9.33
CA LEU B 156 20.73 -7.62 10.51
C LEU B 156 21.02 -8.61 11.66
N ARG C 7 -1.73 -27.61 7.10
CA ARG C 7 -2.26 -28.16 5.86
C ARG C 7 -3.16 -29.37 6.09
N ILE C 8 -3.12 -29.97 7.29
CA ILE C 8 -3.91 -31.12 7.73
C ILE C 8 -4.73 -30.70 8.94
N GLU C 9 -6.05 -30.61 8.76
CA GLU C 9 -6.99 -30.16 9.80
C GLU C 9 -8.16 -31.14 9.94
N LEU C 10 -8.74 -31.20 11.12
CA LEU C 10 -9.89 -32.04 11.37
C LEU C 10 -11.17 -31.16 11.44
N GLY C 11 -12.31 -31.72 11.09
CA GLY C 11 -13.58 -31.02 11.08
C GLY C 11 -14.70 -31.86 11.64
N ASP C 12 -15.79 -31.20 12.10
CA ASP C 12 -16.92 -31.91 12.70
C ASP C 12 -17.78 -32.68 11.70
N VAL C 13 -18.37 -33.78 12.18
CA VAL C 13 -19.28 -34.55 11.35
C VAL C 13 -20.70 -34.07 11.71
N THR C 14 -21.46 -33.66 10.68
CA THR C 14 -22.81 -33.09 10.78
C THR C 14 -23.77 -33.77 9.75
N PRO C 15 -25.10 -33.54 9.86
CA PRO C 15 -26.02 -34.08 8.83
C PRO C 15 -25.77 -33.55 7.41
N HIS C 16 -25.08 -32.40 7.27
CA HIS C 16 -24.75 -31.81 5.95
C HIS C 16 -23.51 -32.41 5.27
N ASN C 17 -22.72 -33.19 6.02
CA ASN C 17 -21.54 -33.83 5.48
C ASN C 17 -21.47 -35.35 5.82
N ILE C 18 -22.54 -35.95 6.42
CA ILE C 18 -22.53 -37.40 6.67
C ILE C 18 -22.49 -38.21 5.34
N LYS C 19 -23.04 -37.65 4.25
CA LYS C 19 -23.00 -38.29 2.93
C LYS C 19 -21.57 -38.31 2.37
N GLN C 20 -20.80 -37.26 2.66
CA GLN C 20 -19.41 -37.10 2.25
C GLN C 20 -18.54 -38.15 2.99
N LEU C 21 -18.80 -38.33 4.29
CA LEU C 21 -18.14 -39.33 5.13
C LEU C 21 -18.43 -40.77 4.62
N LYS C 22 -19.69 -41.06 4.23
CA LYS C 22 -20.06 -42.35 3.69
C LYS C 22 -19.36 -42.54 2.34
N ARG C 23 -19.32 -41.49 1.51
CA ARG C 23 -18.65 -41.55 0.21
C ARG C 23 -17.15 -41.90 0.40
N LEU C 24 -16.50 -41.32 1.43
CA LEU C 24 -15.09 -41.59 1.72
C LEU C 24 -14.95 -43.04 2.23
N ASN C 25 -15.82 -43.46 3.15
CA ASN C 25 -15.83 -44.81 3.70
C ASN C 25 -16.07 -45.88 2.62
N GLN C 26 -16.91 -45.59 1.62
CA GLN C 26 -17.20 -46.49 0.50
C GLN C 26 -15.95 -46.67 -0.35
N VAL C 27 -15.21 -45.59 -0.61
CA VAL C 27 -13.99 -45.68 -1.42
C VAL C 27 -12.87 -46.44 -0.67
N ILE C 28 -12.59 -46.06 0.58
CA ILE C 28 -11.49 -46.60 1.39
C ILE C 28 -11.68 -48.05 1.87
N PHE C 29 -12.86 -48.39 2.41
CA PHE C 29 -13.08 -49.71 2.99
C PHE C 29 -13.86 -50.71 2.11
N PRO C 30 -13.35 -51.96 2.03
CA PRO C 30 -14.07 -52.98 1.24
C PRO C 30 -15.41 -53.44 1.85
N VAL C 31 -15.76 -53.02 3.07
CA VAL C 31 -17.04 -53.41 3.67
C VAL C 31 -18.06 -52.24 3.60
N SER C 32 -19.35 -52.56 3.48
CA SER C 32 -20.38 -51.54 3.42
C SER C 32 -21.13 -51.42 4.73
N TYR C 33 -21.33 -50.17 5.18
CA TYR C 33 -22.03 -49.92 6.43
C TYR C 33 -23.46 -49.48 6.18
N ASN C 34 -24.38 -49.88 7.07
CA ASN C 34 -25.81 -49.57 6.94
C ASN C 34 -26.14 -48.12 7.37
N ASP C 35 -27.37 -47.66 7.08
CA ASP C 35 -27.79 -46.30 7.44
C ASP C 35 -27.73 -46.08 8.96
N LYS C 36 -27.92 -47.13 9.76
CA LYS C 36 -27.85 -47.01 11.23
C LYS C 36 -26.43 -46.67 11.66
N PHE C 37 -25.40 -47.19 10.97
CA PHE C 37 -24.01 -46.89 11.28
C PHE C 37 -23.78 -45.36 11.19
N TYR C 38 -24.27 -44.76 10.10
CA TYR C 38 -24.10 -43.34 9.86
C TYR C 38 -24.99 -42.48 10.75
N LYS C 39 -26.16 -43.00 11.13
CA LYS C 39 -27.07 -42.34 12.08
C LYS C 39 -26.37 -42.26 13.46
N ASP C 40 -25.67 -43.34 13.86
CA ASP C 40 -24.95 -43.44 15.13
C ASP C 40 -23.69 -42.54 15.18
N VAL C 41 -23.00 -42.38 14.02
CA VAL C 41 -21.81 -41.52 13.88
C VAL C 41 -22.16 -40.08 14.29
N LEU C 42 -23.35 -39.61 13.88
CA LEU C 42 -23.87 -38.28 14.17
C LEU C 42 -24.11 -38.02 15.68
N GLU C 43 -24.21 -39.07 16.50
CA GLU C 43 -24.45 -38.96 17.94
C GLU C 43 -23.21 -39.08 18.82
N VAL C 44 -22.05 -39.49 18.28
CA VAL C 44 -20.86 -39.72 19.13
C VAL C 44 -20.00 -38.46 19.41
N GLY C 45 -20.44 -37.30 18.95
CA GLY C 45 -19.70 -36.07 19.16
C GLY C 45 -18.29 -36.08 18.58
N GLU C 46 -17.27 -35.79 19.42
CA GLU C 46 -15.84 -35.74 19.05
C GLU C 46 -15.23 -37.08 18.63
N LEU C 47 -15.89 -38.21 18.92
CA LEU C 47 -15.40 -39.51 18.51
C LEU C 47 -15.51 -39.78 16.99
N ALA C 48 -16.05 -38.84 16.23
CA ALA C 48 -16.13 -38.97 14.78
C ALA C 48 -15.63 -37.66 14.16
N LYS C 49 -14.68 -37.74 13.20
CA LYS C 49 -14.15 -36.53 12.56
C LYS C 49 -13.87 -36.76 11.09
N LEU C 50 -13.92 -35.70 10.32
CA LEU C 50 -13.49 -35.70 8.94
C LEU C 50 -12.10 -35.06 8.94
N ALA C 51 -11.24 -35.48 8.02
CA ALA C 51 -9.90 -34.94 7.89
C ALA C 51 -9.82 -34.25 6.55
N TYR C 52 -9.27 -33.04 6.58
CA TYR C 52 -9.10 -32.19 5.41
C TYR C 52 -7.63 -31.98 5.13
N PHE C 53 -7.24 -32.06 3.85
CA PHE C 53 -5.91 -31.74 3.37
C PHE C 53 -6.16 -30.53 2.47
N ASN C 54 -5.65 -29.35 2.89
CA ASN C 54 -5.87 -28.08 2.19
C ASN C 54 -7.37 -27.86 1.90
N ASP C 55 -8.21 -28.12 2.92
CA ASP C 55 -9.67 -27.97 2.90
C ASP C 55 -10.41 -28.97 2.00
N ILE C 56 -9.77 -30.08 1.59
CA ILE C 56 -10.40 -31.15 0.80
C ILE C 56 -10.59 -32.33 1.74
N ALA C 57 -11.81 -32.85 1.91
CA ALA C 57 -12.02 -33.98 2.82
C ALA C 57 -11.46 -35.25 2.17
N VAL C 58 -10.42 -35.82 2.82
CA VAL C 58 -9.67 -36.97 2.30
C VAL C 58 -9.63 -38.15 3.26
N GLY C 59 -10.16 -37.99 4.45
CA GLY C 59 -10.21 -39.06 5.43
C GLY C 59 -11.29 -38.83 6.45
N ALA C 60 -11.50 -39.82 7.31
CA ALA C 60 -12.48 -39.74 8.36
C ALA C 60 -12.20 -40.84 9.41
N VAL C 61 -12.58 -40.57 10.66
CA VAL C 61 -12.42 -41.50 11.76
C VAL C 61 -13.77 -41.60 12.50
N CYS C 62 -14.30 -42.81 12.68
CA CYS C 62 -15.55 -43.02 13.40
C CYS C 62 -15.28 -44.01 14.55
N CYS C 63 -15.51 -43.56 15.78
CA CYS C 63 -15.30 -44.40 16.98
C CYS C 63 -16.62 -44.55 17.77
N ARG C 64 -16.60 -45.41 18.79
CA ARG C 64 -17.68 -45.60 19.73
C ARG C 64 -17.15 -46.08 21.06
N VAL C 65 -17.85 -45.79 22.15
CA VAL C 65 -17.46 -46.28 23.46
C VAL C 65 -18.07 -47.68 23.59
N ASP C 66 -17.23 -48.67 23.86
CA ASP C 66 -17.67 -50.05 23.96
C ASP C 66 -17.48 -50.57 25.36
N HIS C 67 -18.54 -51.16 25.91
CA HIS C 67 -18.52 -51.75 27.24
C HIS C 67 -18.60 -53.27 27.02
N SER C 68 -17.45 -53.93 27.17
CA SER C 68 -17.27 -55.36 27.01
C SER C 68 -16.08 -55.80 27.86
N GLN C 69 -16.03 -57.11 28.22
CA GLN C 69 -14.99 -57.71 29.06
C GLN C 69 -14.85 -56.99 30.41
N ASN C 70 -15.98 -56.47 30.96
CA ASN C 70 -16.05 -55.70 32.22
C ASN C 70 -15.08 -54.52 32.18
N GLN C 71 -15.01 -53.85 31.01
CA GLN C 71 -14.09 -52.75 30.73
C GLN C 71 -14.78 -51.56 30.01
N LYS C 72 -14.10 -50.40 30.02
CA LYS C 72 -14.51 -49.22 29.27
C LYS C 72 -13.47 -49.05 28.17
N ARG C 73 -13.85 -49.45 26.95
CA ARG C 73 -12.92 -49.49 25.82
C ARG C 73 -13.31 -48.53 24.71
N LEU C 74 -12.32 -47.93 24.01
CA LEU C 74 -12.64 -47.12 22.84
C LEU C 74 -12.48 -47.99 21.60
N TYR C 75 -13.54 -48.18 20.83
CA TYR C 75 -13.48 -48.99 19.61
C TYR C 75 -13.40 -48.11 18.37
N ILE C 76 -12.31 -48.23 17.56
CA ILE C 76 -12.17 -47.48 16.32
C ILE C 76 -12.88 -48.27 15.22
N MET C 77 -14.12 -47.88 14.88
CA MET C 77 -14.90 -48.56 13.84
C MET C 77 -14.25 -48.37 12.50
N THR C 78 -13.95 -47.13 12.11
CA THR C 78 -13.27 -46.80 10.85
C THR C 78 -12.26 -45.70 11.07
N LEU C 79 -11.11 -45.78 10.40
CA LEU C 79 -10.08 -44.75 10.44
C LEU C 79 -9.39 -44.93 9.11
N GLY C 80 -9.58 -43.97 8.20
CA GLY C 80 -9.02 -44.10 6.87
C GLY C 80 -8.72 -42.82 6.16
N CYS C 81 -7.84 -42.92 5.18
CA CYS C 81 -7.39 -41.81 4.37
C CYS C 81 -7.39 -42.27 2.90
N LEU C 82 -7.77 -41.40 1.92
CA LEU C 82 -7.74 -41.75 0.48
C LEU C 82 -6.31 -42.10 0.08
N ALA C 83 -6.13 -43.16 -0.72
CA ALA C 83 -4.83 -43.67 -1.17
C ALA C 83 -3.85 -42.59 -1.69
N PRO C 84 -4.23 -41.64 -2.59
CA PRO C 84 -3.25 -40.61 -3.01
C PRO C 84 -2.74 -39.64 -1.94
N TYR C 85 -3.39 -39.59 -0.75
CA TYR C 85 -2.95 -38.68 0.33
C TYR C 85 -2.30 -39.42 1.53
N ARG C 86 -1.99 -40.71 1.41
CA ARG C 86 -1.40 -41.47 2.51
C ARG C 86 0.09 -41.09 2.76
N ARG C 87 0.63 -41.41 3.97
CA ARG C 87 2.00 -41.08 4.35
C ARG C 87 2.29 -39.59 4.30
N LEU C 88 1.31 -38.78 4.71
CA LEU C 88 1.42 -37.32 4.86
C LEU C 88 1.14 -36.87 6.33
N GLY C 89 0.74 -37.81 7.18
CA GLY C 89 0.41 -37.55 8.58
C GLY C 89 -1.09 -37.46 8.87
N ILE C 90 -1.95 -37.71 7.85
CA ILE C 90 -3.38 -37.60 8.05
C ILE C 90 -3.93 -38.63 9.03
N GLY C 91 -3.52 -39.88 8.88
CA GLY C 91 -3.91 -40.95 9.79
C GLY C 91 -3.42 -40.68 11.21
N THR C 92 -2.22 -40.11 11.34
CA THR C 92 -1.63 -39.72 12.63
C THR C 92 -2.45 -38.61 13.29
N LYS C 93 -2.93 -37.65 12.51
CA LYS C 93 -3.74 -36.57 13.06
C LYS C 93 -5.06 -37.09 13.68
N MET C 94 -5.73 -37.99 12.98
CA MET C 94 -6.95 -38.62 13.48
C MET C 94 -6.70 -39.53 14.68
N LEU C 95 -5.63 -40.35 14.66
CA LEU C 95 -5.33 -41.23 15.79
C LEU C 95 -4.94 -40.41 17.03
N ASN C 96 -4.12 -39.38 16.88
CA ASN C 96 -3.73 -38.51 17.99
C ASN C 96 -4.92 -37.81 18.62
N HIS C 97 -5.98 -37.51 17.83
CA HIS C 97 -7.20 -36.87 18.31
C HIS C 97 -7.97 -37.83 19.20
N VAL C 98 -8.18 -39.09 18.75
CA VAL C 98 -8.88 -40.09 19.57
C VAL C 98 -8.06 -40.48 20.82
N LEU C 99 -6.71 -40.45 20.75
CA LEU C 99 -5.88 -40.76 21.92
C LEU C 99 -5.98 -39.62 22.95
N ASN C 100 -5.86 -38.36 22.50
CA ASN C 100 -5.97 -37.20 23.38
C ASN C 100 -7.34 -37.10 24.06
N ILE C 101 -8.39 -37.66 23.45
CA ILE C 101 -9.72 -37.72 24.04
C ILE C 101 -9.67 -38.70 25.22
N CYS C 102 -9.09 -39.89 25.01
CA CYS C 102 -8.98 -40.92 26.05
C CYS C 102 -8.12 -40.49 27.22
N GLU C 103 -6.96 -39.88 26.96
CA GLU C 103 -6.05 -39.46 28.03
C GLU C 103 -6.58 -38.25 28.82
N LYS C 104 -7.50 -37.46 28.24
CA LYS C 104 -8.12 -36.36 28.94
C LYS C 104 -9.23 -36.93 29.84
N ASP C 105 -10.03 -37.87 29.30
CA ASP C 105 -11.11 -38.54 30.02
C ASP C 105 -10.50 -39.31 31.19
N GLY C 106 -9.64 -40.28 30.92
CA GLY C 106 -8.93 -41.03 31.94
C GLY C 106 -9.58 -42.31 32.45
N THR C 107 -10.82 -42.58 32.05
CA THR C 107 -11.51 -43.79 32.52
C THR C 107 -11.36 -45.01 31.59
N PHE C 108 -10.83 -44.82 30.36
CA PHE C 108 -10.67 -45.94 29.43
C PHE C 108 -9.54 -46.87 29.81
N ASP C 109 -9.80 -48.15 29.72
CA ASP C 109 -8.83 -49.19 30.01
C ASP C 109 -7.95 -49.42 28.76
N ASN C 110 -8.58 -49.39 27.56
CA ASN C 110 -7.84 -49.64 26.33
C ASN C 110 -8.53 -49.06 25.08
N ILE C 111 -7.81 -49.09 23.95
CA ILE C 111 -8.33 -48.70 22.64
C ILE C 111 -8.04 -49.86 21.69
N TYR C 112 -9.09 -50.36 21.01
CA TYR C 112 -8.95 -51.52 20.16
C TYR C 112 -9.69 -51.36 18.83
N LEU C 113 -9.42 -52.26 17.86
CA LEU C 113 -10.00 -52.24 16.52
C LEU C 113 -9.72 -53.57 15.78
N HIS C 114 -10.35 -53.78 14.61
CA HIS C 114 -10.14 -54.97 13.77
C HIS C 114 -9.62 -54.52 12.38
N VAL C 115 -8.66 -55.28 11.84
CA VAL C 115 -8.14 -55.07 10.48
C VAL C 115 -8.09 -56.44 9.78
N GLN C 116 -8.04 -56.48 8.45
CA GLN C 116 -7.84 -57.75 7.75
C GLN C 116 -6.40 -58.19 8.01
N ILE C 117 -6.15 -59.50 8.14
CA ILE C 117 -4.81 -60.01 8.41
C ILE C 117 -3.78 -59.65 7.32
N SER C 118 -4.26 -59.30 6.11
CA SER C 118 -3.42 -58.88 4.99
C SER C 118 -3.13 -57.37 4.99
N ASN C 119 -3.74 -56.60 5.91
CA ASN C 119 -3.52 -55.16 5.94
C ASN C 119 -2.19 -54.79 6.61
N GLU C 120 -1.08 -54.84 5.84
CA GLU C 120 0.26 -54.54 6.34
C GLU C 120 0.41 -53.10 6.77
N SER C 121 -0.03 -52.14 5.93
CA SER C 121 0.08 -50.73 6.28
C SER C 121 -0.64 -50.37 7.58
N ALA C 122 -1.84 -50.94 7.82
CA ALA C 122 -2.57 -50.68 9.06
C ALA C 122 -1.84 -51.31 10.24
N ILE C 123 -1.27 -52.51 10.08
CA ILE C 123 -0.50 -53.13 11.18
C ILE C 123 0.71 -52.29 11.52
N ASP C 124 1.46 -51.85 10.49
CA ASP C 124 2.65 -51.00 10.66
C ASP C 124 2.31 -49.66 11.31
N PHE C 125 1.19 -49.08 10.87
CA PHE C 125 0.66 -47.84 11.38
C PHE C 125 0.31 -47.93 12.86
N TYR C 126 -0.52 -48.93 13.25
CA TYR C 126 -0.93 -49.05 14.63
C TYR C 126 0.19 -49.52 15.57
N ARG C 127 1.10 -50.37 15.10
CA ARG C 127 2.23 -50.82 15.94
C ARG C 127 3.20 -49.67 16.28
N LYS C 128 3.29 -48.66 15.40
CA LYS C 128 4.10 -47.45 15.64
C LYS C 128 3.55 -46.66 16.85
N PHE C 129 2.25 -46.76 17.14
CA PHE C 129 1.64 -46.08 18.29
C PHE C 129 1.53 -46.95 19.55
N GLY C 130 2.21 -48.10 19.57
CA GLY C 130 2.18 -48.99 20.74
C GLY C 130 1.03 -49.97 20.80
N PHE C 131 0.28 -50.14 19.70
CA PHE C 131 -0.79 -51.14 19.67
C PHE C 131 -0.15 -52.53 19.41
N GLU C 132 -0.79 -53.59 19.90
CA GLU C 132 -0.31 -54.95 19.71
C GLU C 132 -1.41 -55.83 19.11
N ILE C 133 -1.03 -56.86 18.33
CA ILE C 133 -2.02 -57.82 17.84
C ILE C 133 -2.27 -58.73 19.05
N ILE C 134 -3.47 -58.67 19.63
CA ILE C 134 -3.83 -59.44 20.84
C ILE C 134 -4.70 -60.67 20.53
N GLU C 135 -5.20 -60.80 19.28
CA GLU C 135 -6.06 -61.89 18.86
C GLU C 135 -6.18 -61.91 17.34
N THR C 136 -6.55 -63.07 16.77
CA THR C 136 -6.82 -63.25 15.34
C THR C 136 -8.15 -63.97 15.30
N LYS C 137 -9.15 -63.32 14.73
CA LYS C 137 -10.50 -63.84 14.67
C LYS C 137 -10.73 -64.41 13.29
N LYS C 138 -11.00 -65.74 13.23
CA LYS C 138 -11.24 -66.43 11.97
C LYS C 138 -12.63 -66.15 11.46
N ASN C 139 -12.74 -65.90 10.16
CA ASN C 139 -13.99 -65.61 9.47
C ASN C 139 -14.76 -64.43 10.08
N TYR C 140 -14.03 -63.34 10.45
CA TYR C 140 -14.63 -62.13 11.02
C TYR C 140 -15.41 -61.36 9.94
N TYR C 141 -14.86 -61.29 8.73
CA TYR C 141 -15.50 -60.65 7.58
C TYR C 141 -16.30 -61.70 6.79
N LYS C 142 -17.51 -61.36 6.30
CA LYS C 142 -18.37 -62.36 5.66
C LYS C 142 -18.28 -62.49 4.13
N ARG C 143 -17.96 -61.42 3.38
CA ARG C 143 -17.94 -61.53 1.92
C ARG C 143 -16.62 -61.15 1.27
N ILE C 144 -15.64 -60.65 2.04
CA ILE C 144 -14.35 -60.26 1.49
C ILE C 144 -13.23 -61.25 1.84
N GLU C 145 -12.13 -61.22 1.06
CA GLU C 145 -10.99 -62.10 1.28
C GLU C 145 -9.70 -61.27 1.49
N PRO C 146 -8.91 -61.56 2.53
CA PRO C 146 -9.12 -62.58 3.55
C PRO C 146 -10.22 -62.20 4.54
N ALA C 147 -10.91 -63.19 5.07
CA ALA C 147 -11.97 -63.01 6.05
C ALA C 147 -11.44 -62.91 7.48
N ASP C 148 -10.20 -63.34 7.71
CA ASP C 148 -9.61 -63.30 9.04
C ASP C 148 -9.21 -61.87 9.39
N ALA C 149 -9.33 -61.55 10.67
CA ALA C 149 -8.99 -60.23 11.14
C ALA C 149 -8.10 -60.28 12.35
N HIS C 150 -7.14 -59.37 12.45
CA HIS C 150 -6.35 -59.23 13.67
C HIS C 150 -7.11 -58.24 14.59
N VAL C 151 -6.91 -58.38 15.89
CA VAL C 151 -7.46 -57.44 16.86
C VAL C 151 -6.26 -56.68 17.35
N LEU C 152 -6.29 -55.36 17.17
CA LEU C 152 -5.16 -54.54 17.60
C LEU C 152 -5.59 -53.73 18.82
N GLN C 153 -4.77 -53.73 19.87
CA GLN C 153 -5.12 -53.03 21.09
C GLN C 153 -3.95 -52.29 21.74
N LYS C 154 -4.26 -51.09 22.28
CA LYS C 154 -3.29 -50.28 23.01
C LYS C 154 -3.86 -50.12 24.40
N ASN C 155 -3.12 -50.54 25.43
CA ASN C 155 -3.57 -50.42 26.80
C ASN C 155 -3.24 -49.04 27.35
N LEU C 156 -4.25 -48.36 27.92
CA LEU C 156 -4.12 -47.03 28.49
C LEU C 156 -4.07 -47.16 30.01
N ARG D 7 11.20 -50.05 -26.76
CA ARG D 7 9.89 -49.76 -27.36
C ARG D 7 9.50 -48.29 -27.14
N ILE D 8 9.90 -47.72 -25.99
CA ILE D 8 9.62 -46.33 -25.66
C ILE D 8 10.87 -45.48 -25.88
N GLU D 9 10.74 -44.43 -26.71
CA GLU D 9 11.80 -43.49 -27.06
C GLU D 9 11.22 -42.08 -27.13
N LEU D 10 12.02 -41.05 -26.83
CA LEU D 10 11.59 -39.65 -26.94
C LEU D 10 12.22 -39.01 -28.20
N GLY D 11 11.50 -38.11 -28.84
CA GLY D 11 11.97 -37.42 -30.03
C GLY D 11 11.75 -35.93 -29.93
N ASP D 12 12.61 -35.15 -30.59
CA ASP D 12 12.52 -33.69 -30.59
C ASP D 12 11.20 -33.15 -31.15
N VAL D 13 10.83 -31.94 -30.74
CA VAL D 13 9.67 -31.27 -31.29
C VAL D 13 10.23 -30.35 -32.39
N THR D 14 9.67 -30.45 -33.59
CA THR D 14 10.07 -29.74 -34.81
C THR D 14 8.82 -29.10 -35.46
N PRO D 15 8.95 -28.15 -36.42
CA PRO D 15 7.73 -27.59 -37.06
C PRO D 15 6.95 -28.62 -37.88
N HIS D 16 7.57 -29.78 -38.19
CA HIS D 16 6.95 -30.88 -38.91
C HIS D 16 5.98 -31.62 -37.97
N ASN D 17 6.44 -31.99 -36.76
CA ASN D 17 5.62 -32.74 -35.82
C ASN D 17 4.93 -31.86 -34.74
N ILE D 18 4.86 -30.52 -34.91
CA ILE D 18 4.22 -29.65 -33.92
C ILE D 18 2.69 -29.83 -33.92
N LYS D 19 2.10 -30.10 -35.09
CA LYS D 19 0.65 -30.35 -35.16
C LYS D 19 0.28 -31.70 -34.49
N GLN D 20 1.23 -32.64 -34.41
CA GLN D 20 1.09 -33.93 -33.76
C GLN D 20 1.04 -33.67 -32.24
N LEU D 21 1.96 -32.83 -31.73
CA LEU D 21 2.03 -32.43 -30.32
C LEU D 21 0.73 -31.72 -29.91
N LYS D 22 0.21 -30.84 -30.78
CA LYS D 22 -1.03 -30.15 -30.48
C LYS D 22 -2.22 -31.12 -30.46
N ARG D 23 -2.20 -32.13 -31.33
CA ARG D 23 -3.27 -33.12 -31.40
C ARG D 23 -3.26 -33.93 -30.09
N LEU D 24 -2.08 -34.34 -29.64
CA LEU D 24 -1.95 -35.08 -28.40
C LEU D 24 -2.45 -34.30 -27.18
N ASN D 25 -2.00 -33.04 -27.01
CA ASN D 25 -2.38 -32.16 -25.91
C ASN D 25 -3.90 -31.94 -25.87
N GLN D 26 -4.52 -31.77 -27.05
CA GLN D 26 -5.95 -31.57 -27.16
C GLN D 26 -6.75 -32.76 -26.57
N VAL D 27 -6.26 -33.98 -26.79
CA VAL D 27 -6.90 -35.20 -26.32
C VAL D 27 -6.62 -35.45 -24.81
N ILE D 28 -5.36 -35.30 -24.39
CA ILE D 28 -4.93 -35.57 -23.03
C ILE D 28 -5.36 -34.52 -22.00
N PHE D 29 -5.23 -33.21 -22.30
CA PHE D 29 -5.52 -32.13 -21.34
C PHE D 29 -6.84 -31.41 -21.58
N PRO D 30 -7.72 -31.25 -20.56
CA PRO D 30 -8.99 -30.55 -20.78
C PRO D 30 -8.87 -29.03 -21.06
N VAL D 31 -7.66 -28.45 -20.94
CA VAL D 31 -7.45 -27.04 -21.27
C VAL D 31 -6.74 -26.89 -22.62
N SER D 32 -7.27 -25.98 -23.46
CA SER D 32 -6.74 -25.71 -24.80
C SER D 32 -5.65 -24.65 -24.74
N TYR D 33 -4.52 -24.86 -25.44
CA TYR D 33 -3.41 -23.90 -25.48
C TYR D 33 -3.35 -23.14 -26.81
N ASN D 34 -3.08 -21.82 -26.75
CA ASN D 34 -3.02 -20.95 -27.91
C ASN D 34 -1.77 -21.18 -28.81
N ASP D 35 -1.73 -20.53 -30.01
CA ASP D 35 -0.64 -20.64 -30.99
C ASP D 35 0.72 -20.19 -30.44
N LYS D 36 0.73 -19.23 -29.50
CA LYS D 36 1.96 -18.74 -28.89
C LYS D 36 2.60 -19.81 -28.03
N PHE D 37 1.80 -20.61 -27.30
CA PHE D 37 2.30 -21.72 -26.47
C PHE D 37 3.17 -22.68 -27.31
N TYR D 38 2.66 -23.09 -28.49
CA TYR D 38 3.35 -24.03 -29.36
C TYR D 38 4.55 -23.41 -30.07
N LYS D 39 4.43 -22.12 -30.48
CA LYS D 39 5.53 -21.35 -31.06
C LYS D 39 6.68 -21.28 -30.04
N ASP D 40 6.35 -21.10 -28.76
CA ASP D 40 7.32 -21.03 -27.69
C ASP D 40 8.02 -22.38 -27.42
N VAL D 41 7.27 -23.50 -27.54
CA VAL D 41 7.72 -24.90 -27.31
C VAL D 41 8.92 -25.28 -28.21
N LEU D 42 8.97 -24.74 -29.44
CA LEU D 42 10.06 -25.01 -30.39
C LEU D 42 11.38 -24.32 -30.01
N GLU D 43 11.33 -23.29 -29.17
CA GLU D 43 12.50 -22.53 -28.73
C GLU D 43 13.15 -23.07 -27.45
N VAL D 44 12.48 -23.99 -26.73
CA VAL D 44 12.99 -24.44 -25.44
C VAL D 44 13.97 -25.62 -25.50
N GLY D 45 14.34 -26.06 -26.71
CA GLY D 45 15.29 -27.15 -26.87
C GLY D 45 14.81 -28.48 -26.31
N GLU D 46 15.70 -29.15 -25.55
CA GLU D 46 15.47 -30.44 -24.91
C GLU D 46 14.40 -30.45 -23.82
N LEU D 47 13.81 -29.28 -23.51
CA LEU D 47 12.74 -29.15 -22.53
C LEU D 47 11.35 -29.54 -23.10
N ALA D 48 11.25 -29.78 -24.42
CA ALA D 48 10.04 -30.23 -25.09
C ALA D 48 10.41 -31.51 -25.84
N LYS D 49 9.64 -32.58 -25.65
CA LYS D 49 9.90 -33.87 -26.27
C LYS D 49 8.59 -34.60 -26.53
N LEU D 50 8.53 -35.35 -27.62
CA LEU D 50 7.40 -36.24 -27.91
C LEU D 50 7.82 -37.61 -27.43
N ALA D 51 6.86 -38.42 -27.01
CA ALA D 51 7.11 -39.77 -26.55
C ALA D 51 6.52 -40.72 -27.57
N TYR D 52 7.29 -41.74 -27.92
CA TYR D 52 6.92 -42.71 -28.94
C TYR D 52 6.85 -44.12 -28.37
N PHE D 53 5.80 -44.83 -28.74
CA PHE D 53 5.66 -46.23 -28.38
C PHE D 53 5.66 -46.94 -29.74
N ASN D 54 6.73 -47.72 -30.03
CA ASN D 54 6.90 -48.43 -31.31
C ASN D 54 6.73 -47.50 -32.50
N ASP D 55 7.35 -46.30 -32.41
CA ASP D 55 7.32 -45.23 -33.42
C ASP D 55 5.94 -44.55 -33.57
N ILE D 56 5.06 -44.70 -32.59
CA ILE D 56 3.76 -44.02 -32.59
C ILE D 56 3.82 -42.92 -31.53
N ALA D 57 3.50 -41.66 -31.87
CA ALA D 57 3.55 -40.57 -30.89
C ALA D 57 2.35 -40.72 -29.96
N VAL D 58 2.62 -41.09 -28.71
CA VAL D 58 1.58 -41.35 -27.70
C VAL D 58 1.64 -40.38 -26.48
N GLY D 59 2.69 -39.56 -26.39
CA GLY D 59 2.82 -38.62 -25.28
C GLY D 59 3.67 -37.42 -25.64
N ALA D 60 3.79 -36.48 -24.67
CA ALA D 60 4.59 -35.25 -24.82
C ALA D 60 4.89 -34.61 -23.47
N VAL D 61 6.05 -33.97 -23.37
CA VAL D 61 6.45 -33.22 -22.19
C VAL D 61 6.93 -31.84 -22.65
N CYS D 62 6.25 -30.78 -22.23
CA CYS D 62 6.58 -29.39 -22.56
C CYS D 62 6.94 -28.66 -21.25
N CYS D 63 8.18 -28.17 -21.13
CA CYS D 63 8.70 -27.40 -20.00
C CYS D 63 9.20 -26.00 -20.39
N ARG D 64 9.40 -25.15 -19.38
CA ARG D 64 9.99 -23.82 -19.53
C ARG D 64 10.73 -23.41 -18.26
N VAL D 65 11.75 -22.55 -18.42
CA VAL D 65 12.50 -22.07 -17.27
C VAL D 65 11.78 -20.88 -16.66
N ASP D 66 11.50 -20.96 -15.38
CA ASP D 66 10.81 -19.93 -14.65
C ASP D 66 11.76 -19.16 -13.72
N HIS D 67 11.64 -17.83 -13.70
CA HIS D 67 12.42 -16.95 -12.80
C HIS D 67 11.46 -16.18 -11.89
N SER D 68 11.10 -16.81 -10.76
CA SER D 68 10.16 -16.25 -9.79
C SER D 68 10.67 -16.48 -8.36
N GLN D 69 10.14 -15.73 -7.35
CA GLN D 69 10.50 -15.88 -5.93
C GLN D 69 12.04 -15.85 -5.68
N ASN D 70 12.81 -15.12 -6.55
CA ASN D 70 14.29 -15.04 -6.51
C ASN D 70 14.95 -16.43 -6.72
N GLN D 71 14.31 -17.29 -7.56
CA GLN D 71 14.74 -18.65 -7.85
C GLN D 71 14.84 -18.96 -9.37
N LYS D 72 15.52 -20.06 -9.74
CA LYS D 72 15.59 -20.58 -11.10
C LYS D 72 14.86 -21.92 -11.03
N ARG D 73 13.60 -21.95 -11.44
CA ARG D 73 12.75 -23.13 -11.31
C ARG D 73 12.39 -23.74 -12.66
N LEU D 74 12.19 -25.06 -12.70
CA LEU D 74 11.73 -25.69 -13.94
C LEU D 74 10.24 -25.93 -13.81
N TYR D 75 9.46 -25.39 -14.73
CA TYR D 75 8.02 -25.57 -14.73
C TYR D 75 7.61 -26.55 -15.84
N ILE D 76 6.94 -27.66 -15.46
CA ILE D 76 6.39 -28.63 -16.41
C ILE D 76 4.99 -28.09 -16.80
N MET D 77 4.85 -27.50 -17.99
CA MET D 77 3.57 -26.98 -18.45
C MET D 77 2.58 -28.09 -18.80
N THR D 78 3.04 -29.13 -19.53
CA THR D 78 2.24 -30.31 -19.92
C THR D 78 3.14 -31.54 -19.90
N LEU D 79 2.68 -32.63 -19.32
CA LEU D 79 3.37 -33.91 -19.30
C LEU D 79 2.26 -34.91 -19.21
N GLY D 80 2.16 -35.76 -20.21
CA GLY D 80 1.12 -36.77 -20.24
C GLY D 80 1.23 -37.68 -21.42
N CYS D 81 0.46 -38.74 -21.39
CA CYS D 81 0.36 -39.65 -22.50
C CYS D 81 -1.07 -40.20 -22.64
N LEU D 82 -1.44 -40.62 -23.86
CA LEU D 82 -2.76 -41.16 -24.21
C LEU D 82 -3.13 -42.26 -23.23
N ALA D 83 -4.37 -42.24 -22.73
CA ALA D 83 -4.86 -43.20 -21.75
C ALA D 83 -4.54 -44.66 -22.03
N PRO D 84 -4.65 -45.21 -23.27
CA PRO D 84 -4.34 -46.63 -23.47
C PRO D 84 -2.90 -47.04 -23.27
N TYR D 85 -1.95 -46.08 -23.35
CA TYR D 85 -0.52 -46.38 -23.21
C TYR D 85 0.04 -46.04 -21.81
N ARG D 86 -0.84 -45.68 -20.86
CA ARG D 86 -0.41 -45.32 -19.51
C ARG D 86 0.03 -46.53 -18.71
N ARG D 87 0.80 -46.31 -17.65
CA ARG D 87 1.34 -47.37 -16.81
C ARG D 87 2.29 -48.31 -17.59
N LEU D 88 2.95 -47.78 -18.63
CA LEU D 88 3.99 -48.45 -19.42
C LEU D 88 5.38 -47.82 -19.16
N GLY D 89 5.47 -46.74 -18.36
CA GLY D 89 6.75 -46.09 -18.07
C GLY D 89 7.08 -44.93 -18.97
N ILE D 90 6.13 -44.52 -19.82
CA ILE D 90 6.27 -43.37 -20.70
C ILE D 90 6.39 -42.09 -19.87
N GLY D 91 5.55 -41.94 -18.86
CA GLY D 91 5.62 -40.78 -17.97
C GLY D 91 6.96 -40.69 -17.25
N THR D 92 7.47 -41.84 -16.78
CA THR D 92 8.75 -41.95 -16.11
C THR D 92 9.89 -41.60 -17.07
N LYS D 93 9.79 -42.01 -18.33
CA LYS D 93 10.80 -41.69 -19.32
C LYS D 93 10.87 -40.17 -19.55
N MET D 94 9.70 -39.52 -19.64
CA MET D 94 9.61 -38.07 -19.83
C MET D 94 10.08 -37.29 -18.61
N LEU D 95 9.75 -37.77 -17.41
CA LEU D 95 10.17 -37.12 -16.18
C LEU D 95 11.66 -37.29 -15.90
N ASN D 96 12.20 -38.49 -16.08
CA ASN D 96 13.63 -38.73 -15.88
C ASN D 96 14.46 -37.86 -16.84
N HIS D 97 14.00 -37.68 -18.07
CA HIS D 97 14.66 -36.83 -19.04
C HIS D 97 14.80 -35.39 -18.52
N VAL D 98 13.69 -34.75 -18.10
CA VAL D 98 13.71 -33.39 -17.58
C VAL D 98 14.47 -33.31 -16.25
N LEU D 99 14.43 -34.36 -15.42
CA LEU D 99 15.19 -34.37 -14.18
C LEU D 99 16.72 -34.41 -14.48
N ASN D 100 17.11 -35.11 -15.56
CA ASN D 100 18.51 -35.24 -15.95
C ASN D 100 19.05 -33.92 -16.50
N ILE D 101 18.24 -33.18 -17.25
CA ILE D 101 18.63 -31.85 -17.74
C ILE D 101 18.97 -30.92 -16.54
N CYS D 102 18.08 -30.89 -15.53
CA CYS D 102 18.22 -30.09 -14.31
C CYS D 102 19.44 -30.50 -13.50
N GLU D 103 19.69 -31.80 -13.41
CA GLU D 103 20.81 -32.31 -12.63
C GLU D 103 22.15 -32.11 -13.35
N LYS D 104 22.14 -32.02 -14.69
CA LYS D 104 23.34 -31.75 -15.47
C LYS D 104 23.68 -30.27 -15.23
N ASP D 105 22.73 -29.36 -15.57
CA ASP D 105 22.76 -27.90 -15.45
C ASP D 105 23.17 -27.47 -14.04
N GLY D 106 22.64 -28.14 -13.03
CA GLY D 106 22.97 -27.89 -11.64
C GLY D 106 22.56 -26.57 -11.03
N THR D 107 21.95 -25.64 -11.80
CA THR D 107 21.59 -24.33 -11.25
C THR D 107 20.11 -24.17 -10.91
N PHE D 108 19.30 -25.26 -10.96
CA PHE D 108 17.87 -25.16 -10.63
C PHE D 108 17.63 -25.30 -9.12
N ASP D 109 16.68 -24.53 -8.59
CA ASP D 109 16.31 -24.61 -7.18
C ASP D 109 15.28 -25.73 -6.97
N ASN D 110 14.30 -25.79 -7.88
CA ASN D 110 13.21 -26.76 -7.82
C ASN D 110 12.54 -26.94 -9.18
N ILE D 111 11.71 -27.99 -9.27
CA ILE D 111 10.86 -28.31 -10.43
C ILE D 111 9.43 -28.37 -9.90
N TYR D 112 8.51 -27.66 -10.54
CA TYR D 112 7.12 -27.61 -10.07
C TYR D 112 6.10 -27.63 -11.22
N LEU D 113 4.83 -27.90 -10.88
CA LEU D 113 3.75 -27.97 -11.85
C LEU D 113 2.40 -27.83 -11.15
N HIS D 114 1.33 -27.68 -11.95
CA HIS D 114 -0.05 -27.61 -11.49
C HIS D 114 -0.80 -28.84 -12.00
N VAL D 115 -1.80 -29.29 -11.24
CA VAL D 115 -2.66 -30.39 -11.65
C VAL D 115 -4.05 -30.25 -10.99
N GLN D 116 -5.13 -30.78 -11.58
CA GLN D 116 -6.45 -30.69 -10.93
C GLN D 116 -6.43 -31.51 -9.63
N ILE D 117 -7.07 -30.99 -8.57
CA ILE D 117 -7.14 -31.68 -7.28
C ILE D 117 -7.75 -33.10 -7.41
N SER D 118 -8.55 -33.35 -8.46
CA SER D 118 -9.18 -34.66 -8.71
C SER D 118 -8.25 -35.66 -9.40
N ASN D 119 -7.10 -35.21 -9.90
CA ASN D 119 -6.17 -36.04 -10.63
C ASN D 119 -5.28 -36.85 -9.69
N GLU D 120 -5.86 -37.91 -9.12
CA GLU D 120 -5.19 -38.82 -8.22
C GLU D 120 -4.06 -39.57 -8.91
N SER D 121 -4.17 -39.83 -10.23
CA SER D 121 -3.12 -40.56 -10.91
C SER D 121 -1.84 -39.72 -11.05
N ALA D 122 -2.00 -38.39 -11.27
CA ALA D 122 -0.87 -37.47 -11.34
C ALA D 122 -0.25 -37.26 -9.97
N ILE D 123 -1.08 -37.23 -8.90
CA ILE D 123 -0.58 -37.10 -7.52
C ILE D 123 0.30 -38.31 -7.21
N ASP D 124 -0.19 -39.52 -7.48
CA ASP D 124 0.52 -40.78 -7.29
C ASP D 124 1.80 -40.89 -8.11
N PHE D 125 1.73 -40.44 -9.35
CA PHE D 125 2.87 -40.45 -10.25
C PHE D 125 3.96 -39.51 -9.71
N TYR D 126 3.63 -38.23 -9.46
CA TYR D 126 4.63 -37.27 -9.01
C TYR D 126 5.19 -37.55 -7.59
N ARG D 127 4.37 -38.03 -6.66
CA ARG D 127 4.80 -38.34 -5.29
C ARG D 127 5.85 -39.47 -5.20
N LYS D 128 5.83 -40.37 -6.19
CA LYS D 128 6.79 -41.48 -6.30
C LYS D 128 8.23 -40.96 -6.64
N PHE D 129 8.29 -39.82 -7.33
CA PHE D 129 9.51 -39.11 -7.74
C PHE D 129 9.98 -38.04 -6.72
N GLY D 130 9.35 -37.98 -5.54
CA GLY D 130 9.72 -37.02 -4.52
C GLY D 130 9.03 -35.68 -4.53
N PHE D 131 8.02 -35.48 -5.40
CA PHE D 131 7.29 -34.21 -5.40
C PHE D 131 6.32 -34.17 -4.21
N GLU D 132 6.05 -32.96 -3.73
CA GLU D 132 5.10 -32.74 -2.64
C GLU D 132 4.08 -31.73 -3.05
N ILE D 133 2.86 -31.84 -2.51
CA ILE D 133 1.84 -30.83 -2.74
C ILE D 133 2.20 -29.75 -1.74
N ILE D 134 2.65 -28.59 -2.24
CA ILE D 134 3.04 -27.46 -1.38
C ILE D 134 1.98 -26.38 -1.24
N GLU D 135 0.89 -26.48 -2.00
CA GLU D 135 -0.17 -25.49 -2.02
C GLU D 135 -1.34 -26.03 -2.85
N THR D 136 -2.54 -25.49 -2.63
CA THR D 136 -3.71 -25.78 -3.44
C THR D 136 -4.27 -24.41 -3.89
N LYS D 137 -4.15 -24.08 -5.17
CA LYS D 137 -4.64 -22.82 -5.70
C LYS D 137 -6.11 -22.91 -5.98
N LYS D 138 -6.91 -22.03 -5.37
CA LYS D 138 -8.34 -22.03 -5.60
C LYS D 138 -8.66 -21.36 -6.95
N ASN D 139 -9.58 -21.96 -7.74
CA ASN D 139 -10.01 -21.49 -9.05
C ASN D 139 -8.85 -21.14 -10.01
N TYR D 140 -7.87 -22.04 -10.10
CA TYR D 140 -6.71 -21.89 -10.98
C TYR D 140 -7.12 -22.07 -12.46
N TYR D 141 -7.99 -23.04 -12.74
CA TYR D 141 -8.55 -23.28 -14.08
C TYR D 141 -9.87 -22.49 -14.20
N LYS D 142 -10.31 -22.16 -15.44
CA LYS D 142 -11.48 -21.28 -15.59
C LYS D 142 -12.79 -21.93 -16.09
N ARG D 143 -12.73 -22.79 -17.11
CA ARG D 143 -13.96 -23.38 -17.65
C ARG D 143 -14.30 -24.73 -17.06
N ILE D 144 -13.27 -25.50 -16.73
CA ILE D 144 -13.41 -26.88 -16.28
C ILE D 144 -13.63 -27.05 -14.78
N GLU D 145 -14.13 -28.25 -14.41
CA GLU D 145 -14.42 -28.66 -13.05
C GLU D 145 -13.67 -29.98 -12.72
N PRO D 146 -12.95 -30.02 -11.59
CA PRO D 146 -12.74 -28.94 -10.64
C PRO D 146 -11.77 -27.89 -11.16
N ALA D 147 -11.98 -26.64 -10.73
CA ALA D 147 -11.15 -25.54 -11.14
C ALA D 147 -9.91 -25.37 -10.22
N ASP D 148 -9.93 -25.96 -9.00
CA ASP D 148 -8.80 -25.85 -8.09
C ASP D 148 -7.68 -26.78 -8.52
N ALA D 149 -6.45 -26.32 -8.34
CA ALA D 149 -5.28 -27.07 -8.72
C ALA D 149 -4.34 -27.26 -7.56
N HIS D 150 -3.70 -28.44 -7.46
CA HIS D 150 -2.63 -28.69 -6.50
C HIS D 150 -1.32 -28.15 -7.15
N VAL D 151 -0.37 -27.67 -6.33
CA VAL D 151 0.95 -27.24 -6.79
C VAL D 151 1.91 -28.33 -6.32
N LEU D 152 2.48 -29.09 -7.26
CA LEU D 152 3.42 -30.14 -6.89
C LEU D 152 4.83 -29.66 -7.17
N GLN D 153 5.74 -29.85 -6.21
CA GLN D 153 7.11 -29.38 -6.34
C GLN D 153 8.14 -30.37 -5.80
N LYS D 154 9.28 -30.48 -6.48
CA LYS D 154 10.38 -31.30 -6.01
C LYS D 154 11.58 -30.36 -5.78
N ASN D 155 12.15 -30.41 -4.57
CA ASN D 155 13.31 -29.58 -4.27
C ASN D 155 14.57 -30.21 -4.82
N LEU D 156 15.31 -29.44 -5.64
CA LEU D 156 16.55 -29.88 -6.28
C LEU D 156 17.75 -29.29 -5.51
N ARG E 7 26.17 32.10 -28.18
CA ARG E 7 24.94 32.22 -28.96
C ARG E 7 23.76 32.79 -28.14
N ILE E 8 23.82 32.68 -26.80
CA ILE E 8 22.77 33.16 -25.90
C ILE E 8 23.10 34.56 -25.33
N GLU E 9 22.19 35.53 -25.53
CA GLU E 9 22.36 36.92 -25.11
C GLU E 9 21.04 37.48 -24.57
N LEU E 10 21.10 38.33 -23.52
CA LEU E 10 19.90 38.94 -22.99
C LEU E 10 19.76 40.38 -23.49
N GLY E 11 18.53 40.81 -23.75
CA GLY E 11 18.24 42.16 -24.21
C GLY E 11 17.19 42.83 -23.37
N ASP E 12 17.17 44.17 -23.37
CA ASP E 12 16.20 44.94 -22.60
C ASP E 12 14.77 44.83 -23.16
N VAL E 13 13.76 45.08 -22.33
CA VAL E 13 12.37 45.08 -22.78
C VAL E 13 11.92 46.53 -23.04
N THR E 14 11.66 46.88 -24.30
CA THR E 14 11.30 48.22 -24.74
C THR E 14 9.93 48.24 -25.44
N PRO E 15 9.25 49.40 -25.50
CA PRO E 15 7.94 49.46 -26.17
C PRO E 15 7.92 49.03 -27.65
N HIS E 16 9.11 48.90 -28.26
CA HIS E 16 9.26 48.43 -29.64
C HIS E 16 9.20 46.89 -29.70
N ASN E 17 9.68 46.22 -28.64
CA ASN E 17 9.70 44.75 -28.59
C ASN E 17 8.78 44.17 -27.49
N ILE E 18 7.93 45.00 -26.85
CA ILE E 18 7.03 44.52 -25.79
C ILE E 18 5.97 43.55 -26.34
N LYS E 19 5.57 43.71 -27.60
CA LYS E 19 4.61 42.84 -28.27
C LYS E 19 5.20 41.45 -28.54
N GLN E 20 6.52 41.40 -28.82
CA GLN E 20 7.26 40.15 -29.03
C GLN E 20 7.31 39.36 -27.70
N LEU E 21 7.42 40.06 -26.55
CA LEU E 21 7.42 39.45 -25.23
C LEU E 21 6.06 38.83 -24.91
N LYS E 22 4.97 39.51 -25.30
CA LYS E 22 3.61 39.00 -25.05
C LYS E 22 3.39 37.72 -25.85
N ARG E 23 3.83 37.74 -27.13
CA ARG E 23 3.75 36.61 -28.05
C ARG E 23 4.47 35.39 -27.47
N LEU E 24 5.66 35.59 -26.86
CA LEU E 24 6.42 34.51 -26.24
C LEU E 24 5.71 33.93 -25.00
N ASN E 25 5.23 34.77 -24.09
CA ASN E 25 4.53 34.33 -22.87
C ASN E 25 3.23 33.58 -23.18
N GLN E 26 2.54 33.99 -24.26
CA GLN E 26 1.30 33.36 -24.72
C GLN E 26 1.58 31.91 -25.15
N VAL E 27 2.69 31.70 -25.85
CA VAL E 27 3.11 30.39 -26.35
C VAL E 27 3.67 29.51 -25.22
N ILE E 28 4.57 30.06 -24.40
CA ILE E 28 5.24 29.33 -23.34
C ILE E 28 4.36 28.99 -22.11
N PHE E 29 3.54 29.92 -21.63
CA PHE E 29 2.74 29.70 -20.42
C PHE E 29 1.24 29.49 -20.66
N PRO E 30 0.60 28.52 -19.96
CA PRO E 30 -0.84 28.32 -20.14
C PRO E 30 -1.72 29.44 -19.57
N VAL E 31 -1.27 30.21 -18.56
CA VAL E 31 -2.09 31.34 -18.04
C VAL E 31 -1.85 32.61 -18.89
N SER E 32 -2.84 33.51 -18.93
CA SER E 32 -2.73 34.76 -19.68
C SER E 32 -2.59 35.96 -18.75
N TYR E 33 -1.80 36.95 -19.17
CA TYR E 33 -1.57 38.15 -18.38
C TYR E 33 -2.18 39.38 -19.02
N ASN E 34 -2.70 40.30 -18.19
CA ASN E 34 -3.38 41.50 -18.68
C ASN E 34 -2.42 42.58 -19.22
N ASP E 35 -2.97 43.61 -19.88
CA ASP E 35 -2.22 44.75 -20.40
C ASP E 35 -1.45 45.46 -19.29
N LYS E 36 -1.96 45.45 -18.04
CA LYS E 36 -1.32 46.07 -16.87
C LYS E 36 0.00 45.37 -16.53
N PHE E 37 0.07 44.03 -16.72
CA PHE E 37 1.26 43.25 -16.46
C PHE E 37 2.39 43.72 -17.37
N TYR E 38 2.10 43.83 -18.67
CA TYR E 38 3.08 44.24 -19.69
C TYR E 38 3.45 45.73 -19.59
N LYS E 39 2.53 46.56 -19.07
CA LYS E 39 2.78 47.97 -18.84
C LYS E 39 3.79 48.06 -17.68
N ASP E 40 3.57 47.28 -16.59
CA ASP E 40 4.46 47.23 -15.43
C ASP E 40 5.83 46.61 -15.74
N VAL E 41 5.90 45.72 -16.74
CA VAL E 41 7.16 45.07 -17.14
C VAL E 41 8.11 46.16 -17.68
N LEU E 42 7.57 47.09 -18.50
CA LEU E 42 8.36 48.21 -19.04
C LEU E 42 8.87 49.19 -17.95
N GLU E 43 8.37 49.07 -16.72
CA GLU E 43 8.78 49.94 -15.62
C GLU E 43 9.70 49.28 -14.59
N VAL E 44 10.16 48.01 -14.80
CA VAL E 44 11.05 47.35 -13.82
C VAL E 44 12.55 47.40 -14.20
N GLY E 45 12.85 47.77 -15.44
CA GLY E 45 14.24 47.88 -15.89
C GLY E 45 14.94 46.58 -16.16
N GLU E 46 16.05 46.33 -15.43
CA GLU E 46 16.83 45.08 -15.56
C GLU E 46 16.12 43.85 -14.94
N LEU E 47 14.99 44.05 -14.23
CA LEU E 47 14.22 42.91 -13.72
C LEU E 47 13.38 42.24 -14.85
N ALA E 48 13.45 42.73 -16.09
CA ALA E 48 12.76 42.13 -17.23
C ALA E 48 13.71 42.12 -18.42
N LYS E 49 13.97 40.93 -18.97
CA LYS E 49 14.83 40.77 -20.14
C LYS E 49 14.22 39.76 -21.15
N LEU E 50 14.70 39.82 -22.39
CA LEU E 50 14.34 38.93 -23.49
C LEU E 50 15.59 38.09 -23.82
N ALA E 51 15.42 36.79 -24.04
CA ALA E 51 16.53 35.90 -24.34
C ALA E 51 16.61 35.69 -25.81
N TYR E 52 17.82 35.74 -26.34
CA TYR E 52 18.05 35.59 -27.76
C TYR E 52 18.95 34.42 -28.04
N PHE E 53 18.59 33.63 -29.05
CA PHE E 53 19.40 32.51 -29.51
C PHE E 53 19.74 32.83 -30.93
N ASN E 54 21.02 33.14 -31.20
CA ASN E 54 21.52 33.54 -32.50
C ASN E 54 20.73 34.74 -33.07
N ASP E 55 20.34 35.67 -32.15
CA ASP E 55 19.61 36.92 -32.32
C ASP E 55 18.08 36.75 -32.55
N ILE E 56 17.52 35.56 -32.30
CA ILE E 56 16.07 35.31 -32.39
C ILE E 56 15.52 35.32 -30.96
N ALA E 57 14.44 36.07 -30.67
CA ALA E 57 13.88 36.08 -29.32
C ALA E 57 13.18 34.74 -29.08
N VAL E 58 13.68 33.94 -28.15
CA VAL E 58 13.13 32.61 -27.85
C VAL E 58 12.59 32.48 -26.42
N GLY E 59 13.00 33.37 -25.53
CA GLY E 59 12.56 33.34 -24.14
C GLY E 59 12.53 34.71 -23.51
N ALA E 60 12.11 34.78 -22.23
CA ALA E 60 12.04 36.04 -21.47
C ALA E 60 11.88 35.77 -19.97
N VAL E 61 12.34 36.71 -19.13
CA VAL E 61 12.19 36.68 -17.67
C VAL E 61 11.58 38.02 -17.23
N CYS E 62 10.57 37.98 -16.34
CA CYS E 62 9.92 39.18 -15.84
C CYS E 62 9.82 39.01 -14.35
N CYS E 63 10.38 39.93 -13.60
CA CYS E 63 10.40 39.90 -12.15
C CYS E 63 9.81 41.21 -11.58
N ARG E 64 9.66 41.26 -10.26
CA ARG E 64 9.21 42.46 -9.58
C ARG E 64 9.61 42.42 -8.11
N VAL E 65 9.84 43.60 -7.52
CA VAL E 65 10.13 43.69 -6.09
C VAL E 65 8.83 43.37 -5.35
N ASP E 66 8.94 42.65 -4.25
CA ASP E 66 7.78 42.27 -3.48
C ASP E 66 8.09 42.45 -2.03
N HIS E 67 7.36 43.36 -1.41
CA HIS E 67 7.50 43.66 -0.01
C HIS E 67 6.36 42.87 0.66
N SER E 68 6.72 41.74 1.28
CA SER E 68 5.80 40.85 2.01
C SER E 68 6.59 40.07 3.09
N GLN E 69 5.88 39.57 4.11
CA GLN E 69 6.49 38.85 5.24
C GLN E 69 7.62 39.64 5.93
N ASN E 70 7.56 40.99 5.82
CA ASN E 70 8.51 41.98 6.37
C ASN E 70 9.91 41.72 5.83
N GLN E 71 9.96 41.46 4.52
CA GLN E 71 11.16 41.16 3.75
C GLN E 71 11.09 41.88 2.40
N LYS E 72 12.26 42.09 1.82
CA LYS E 72 12.39 42.63 0.47
C LYS E 72 12.65 41.35 -0.32
N ARG E 73 11.73 40.99 -1.22
CA ARG E 73 11.82 39.71 -1.94
C ARG E 73 11.76 39.91 -3.45
N LEU E 74 12.45 39.04 -4.24
CA LEU E 74 12.37 39.14 -5.70
C LEU E 74 11.42 38.04 -6.20
N TYR E 75 10.35 38.42 -6.90
CA TYR E 75 9.38 37.46 -7.38
C TYR E 75 9.53 37.26 -8.86
N ILE E 76 9.79 36.03 -9.32
CA ILE E 76 9.89 35.77 -10.74
C ILE E 76 8.47 35.46 -11.26
N MET E 77 7.85 36.44 -11.92
CA MET E 77 6.50 36.27 -12.45
C MET E 77 6.49 35.27 -13.60
N THR E 78 7.46 35.39 -14.51
CA THR E 78 7.56 34.47 -15.65
C THR E 78 9.04 34.28 -15.99
N LEU E 79 9.45 33.04 -16.30
CA LEU E 79 10.82 32.72 -16.74
C LEU E 79 10.66 31.49 -17.60
N GLY E 80 10.88 31.62 -18.90
CA GLY E 80 10.76 30.49 -19.80
C GLY E 80 11.32 30.74 -21.18
N CYS E 81 11.37 29.68 -21.98
CA CYS E 81 11.81 29.75 -23.35
C CYS E 81 11.09 28.71 -24.23
N LEU E 82 11.07 28.93 -25.54
CA LEU E 82 10.37 28.05 -26.48
C LEU E 82 10.94 26.64 -26.45
N ALA E 83 10.03 25.65 -26.38
CA ALA E 83 10.31 24.22 -26.28
C ALA E 83 11.47 23.71 -27.16
N PRO E 84 11.55 23.98 -28.49
CA PRO E 84 12.67 23.43 -29.27
C PRO E 84 14.06 23.99 -28.94
N TYR E 85 14.14 24.95 -28.00
CA TYR E 85 15.40 25.59 -27.59
C TYR E 85 15.79 25.28 -26.14
N ARG E 86 15.05 24.40 -25.45
CA ARG E 86 15.34 24.05 -24.07
C ARG E 86 16.59 23.17 -23.94
N ARG E 87 17.16 23.08 -22.73
CA ARG E 87 18.37 22.31 -22.40
C ARG E 87 19.61 22.80 -23.14
N LEU E 88 19.61 24.09 -23.56
CA LEU E 88 20.75 24.77 -24.20
C LEU E 88 21.40 25.86 -23.27
N GLY E 89 20.82 26.11 -22.09
CA GLY E 89 21.36 27.08 -21.15
C GLY E 89 20.68 28.43 -21.12
N ILE E 90 19.62 28.60 -21.93
CA ILE E 90 18.85 29.85 -22.01
C ILE E 90 18.21 30.23 -20.67
N GLY E 91 17.60 29.25 -20.00
CA GLY E 91 16.99 29.47 -18.69
C GLY E 91 18.02 29.86 -17.66
N THR E 92 19.18 29.19 -17.69
CA THR E 92 20.31 29.45 -16.79
C THR E 92 20.84 30.89 -16.98
N LYS E 93 20.98 31.37 -18.22
CA LYS E 93 21.41 32.76 -18.48
C LYS E 93 20.44 33.75 -17.84
N MET E 94 19.12 33.49 -17.96
CA MET E 94 18.09 34.35 -17.37
C MET E 94 18.11 34.34 -15.83
N LEU E 95 18.21 33.16 -15.23
CA LEU E 95 18.25 33.04 -13.78
C LEU E 95 19.57 33.59 -13.19
N ASN E 96 20.68 33.41 -13.91
CA ASN E 96 21.98 33.89 -13.48
C ASN E 96 21.99 35.41 -13.48
N HIS E 97 21.35 36.03 -14.49
CA HIS E 97 21.20 37.47 -14.61
C HIS E 97 20.37 38.05 -13.45
N VAL E 98 19.27 37.37 -13.06
CA VAL E 98 18.46 37.85 -11.95
C VAL E 98 19.18 37.60 -10.60
N LEU E 99 20.04 36.56 -10.52
CA LEU E 99 20.79 36.26 -9.30
C LEU E 99 21.92 37.28 -9.11
N ASN E 100 22.58 37.69 -10.22
CA ASN E 100 23.67 38.68 -10.20
C ASN E 100 23.15 40.05 -9.74
N ILE E 101 21.95 40.46 -10.21
CA ILE E 101 21.28 41.70 -9.81
C ILE E 101 21.05 41.70 -8.29
N CYS E 102 20.67 40.55 -7.74
CA CYS E 102 20.43 40.35 -6.31
C CYS E 102 21.73 40.39 -5.52
N GLU E 103 22.77 39.73 -6.04
CA GLU E 103 24.10 39.65 -5.45
C GLU E 103 24.67 41.06 -5.27
N LYS E 104 24.56 41.89 -6.32
CA LYS E 104 25.02 43.27 -6.35
C LYS E 104 24.16 44.24 -5.53
N ASP E 105 22.84 44.04 -5.49
CA ASP E 105 21.96 44.92 -4.72
C ASP E 105 22.20 44.74 -3.21
N GLY E 106 22.16 43.49 -2.74
CA GLY E 106 22.44 43.15 -1.35
C GLY E 106 21.33 43.27 -0.33
N THR E 107 20.19 43.88 -0.70
CA THR E 107 19.09 44.07 0.26
C THR E 107 17.96 43.04 0.17
N PHE E 108 17.97 42.17 -0.85
CA PHE E 108 16.93 41.14 -0.97
C PHE E 108 17.19 40.02 0.03
N ASP E 109 16.15 39.60 0.75
CA ASP E 109 16.25 38.52 1.73
C ASP E 109 16.16 37.14 1.05
N ASN E 110 15.40 37.06 -0.05
CA ASN E 110 15.21 35.83 -0.82
C ASN E 110 14.64 36.12 -2.21
N ILE E 111 14.61 35.08 -3.06
CA ILE E 111 14.03 35.09 -4.41
C ILE E 111 13.01 33.94 -4.46
N TYR E 112 11.81 34.20 -4.99
CA TYR E 112 10.75 33.20 -5.01
C TYR E 112 9.86 33.26 -6.25
N LEU E 113 9.09 32.17 -6.50
CA LEU E 113 8.22 32.00 -7.66
C LEU E 113 7.14 30.92 -7.39
N HIS E 114 6.25 30.68 -8.38
CA HIS E 114 5.20 29.65 -8.34
C HIS E 114 5.31 28.81 -9.61
N VAL E 115 5.04 27.50 -9.49
CA VAL E 115 4.99 26.56 -10.63
C VAL E 115 3.84 25.58 -10.38
N GLN E 116 3.19 25.06 -11.44
CA GLN E 116 2.18 24.00 -11.28
C GLN E 116 2.91 22.76 -10.68
N ILE E 117 2.30 22.03 -9.74
CA ILE E 117 2.96 20.87 -9.13
C ILE E 117 3.38 19.80 -10.17
N SER E 118 2.81 19.83 -11.37
CA SER E 118 3.14 18.89 -12.45
C SER E 118 4.43 19.26 -13.21
N ASN E 119 4.85 20.53 -13.14
CA ASN E 119 6.02 21.03 -13.86
C ASN E 119 7.35 20.50 -13.28
N GLU E 120 7.70 19.24 -13.60
CA GLU E 120 8.89 18.55 -13.13
C GLU E 120 10.15 19.23 -13.59
N SER E 121 10.19 19.65 -14.86
CA SER E 121 11.35 20.33 -15.46
C SER E 121 11.74 21.59 -14.71
N ALA E 122 10.75 22.40 -14.29
CA ALA E 122 10.98 23.62 -13.54
C ALA E 122 11.52 23.35 -12.13
N ILE E 123 10.99 22.32 -11.44
CA ILE E 123 11.47 21.97 -10.10
C ILE E 123 12.94 21.54 -10.20
N ASP E 124 13.26 20.68 -11.19
CA ASP E 124 14.61 20.20 -11.46
C ASP E 124 15.55 21.39 -11.74
N PHE E 125 15.12 22.30 -12.62
CA PHE E 125 15.85 23.49 -13.02
C PHE E 125 16.21 24.37 -11.83
N TYR E 126 15.21 24.78 -11.01
CA TYR E 126 15.42 25.66 -9.88
C TYR E 126 16.16 25.02 -8.70
N ARG E 127 15.89 23.74 -8.41
CA ARG E 127 16.58 23.04 -7.32
C ARG E 127 18.08 22.94 -7.54
N LYS E 128 18.52 22.95 -8.81
CA LYS E 128 19.93 22.95 -9.22
C LYS E 128 20.63 24.29 -8.82
N PHE E 129 19.84 25.37 -8.66
CA PHE E 129 20.35 26.69 -8.26
C PHE E 129 20.20 26.98 -6.77
N GLY E 130 19.74 26.02 -5.99
CA GLY E 130 19.57 26.21 -4.56
C GLY E 130 18.17 26.55 -4.10
N PHE E 131 17.18 26.55 -5.01
CA PHE E 131 15.79 26.84 -4.65
C PHE E 131 15.15 25.63 -3.95
N GLU E 132 14.23 25.88 -3.03
CA GLU E 132 13.56 24.82 -2.27
C GLU E 132 12.06 24.97 -2.36
N ILE E 133 11.30 23.85 -2.34
CA ILE E 133 9.85 23.94 -2.27
C ILE E 133 9.57 24.24 -0.81
N ILE E 134 9.14 25.48 -0.52
CA ILE E 134 8.86 25.90 0.86
C ILE E 134 7.38 25.73 1.25
N GLU E 135 6.48 25.58 0.25
CA GLU E 135 5.05 25.48 0.46
C GLU E 135 4.33 24.93 -0.79
N THR E 136 3.21 24.23 -0.62
CA THR E 136 2.38 23.78 -1.74
C THR E 136 1.01 24.45 -1.54
N LYS E 137 0.64 25.35 -2.45
CA LYS E 137 -0.61 26.11 -2.41
C LYS E 137 -1.69 25.43 -3.24
N LYS E 138 -2.74 24.94 -2.57
CA LYS E 138 -3.84 24.28 -3.26
C LYS E 138 -4.69 25.33 -3.98
N ASN E 139 -5.09 25.03 -5.22
CA ASN E 139 -5.96 25.87 -6.05
C ASN E 139 -5.41 27.30 -6.23
N TYR E 140 -4.13 27.39 -6.65
CA TYR E 140 -3.46 28.66 -6.92
C TYR E 140 -3.85 29.14 -8.35
N TYR E 141 -3.95 28.21 -9.31
CA TYR E 141 -4.38 28.51 -10.68
C TYR E 141 -5.91 28.39 -10.80
N LYS E 142 -6.53 29.09 -11.77
CA LYS E 142 -7.99 29.10 -11.83
C LYS E 142 -8.63 28.24 -12.91
N ARG E 143 -8.19 28.32 -14.17
CA ARG E 143 -8.82 27.51 -15.22
C ARG E 143 -7.88 26.50 -15.86
N ILE E 144 -6.84 26.07 -15.12
CA ILE E 144 -5.90 25.07 -15.63
C ILE E 144 -5.76 23.90 -14.67
N GLU E 145 -5.41 22.73 -15.22
CA GLU E 145 -5.21 21.51 -14.44
C GLU E 145 -3.79 20.99 -14.63
N PRO E 146 -3.01 20.81 -13.55
CA PRO E 146 -3.38 21.03 -12.13
C PRO E 146 -3.41 22.47 -11.69
N ALA E 147 -4.25 22.75 -10.69
CA ALA E 147 -4.40 24.07 -10.12
C ALA E 147 -3.44 24.29 -8.96
N ASP E 148 -2.99 23.22 -8.29
CA ASP E 148 -2.06 23.30 -7.17
C ASP E 148 -0.69 23.79 -7.65
N ALA E 149 -0.02 24.59 -6.81
CA ALA E 149 1.28 25.11 -7.17
C ALA E 149 2.27 24.93 -6.06
N HIS E 150 3.55 24.72 -6.42
CA HIS E 150 4.60 24.71 -5.41
C HIS E 150 5.17 26.14 -5.38
N VAL E 151 5.60 26.57 -4.20
CA VAL E 151 6.29 27.83 -4.05
C VAL E 151 7.77 27.44 -3.88
N LEU E 152 8.59 27.82 -4.87
CA LEU E 152 10.03 27.55 -4.85
C LEU E 152 10.75 28.84 -4.39
N GLN E 153 11.66 28.72 -3.44
CA GLN E 153 12.39 29.87 -2.92
C GLN E 153 13.87 29.60 -2.63
N LYS E 154 14.74 30.56 -3.01
CA LYS E 154 16.14 30.51 -2.68
C LYS E 154 16.42 31.63 -1.65
N ASN E 155 16.97 31.26 -0.49
CA ASN E 155 17.30 32.23 0.57
C ASN E 155 18.62 32.96 0.28
N LEU E 156 18.58 34.30 0.19
CA LEU E 156 19.78 35.12 -0.02
C LEU E 156 20.17 35.84 1.29
N ARG F 7 10.26 53.91 -8.00
CA ARG F 7 10.76 54.19 -6.65
C ARG F 7 9.70 53.92 -5.56
N ILE F 8 8.42 54.08 -5.91
CA ILE F 8 7.27 53.96 -5.03
C ILE F 8 6.62 52.58 -5.10
N GLU F 9 6.69 51.81 -3.99
CA GLU F 9 6.14 50.46 -3.88
C GLU F 9 5.22 50.30 -2.66
N LEU F 10 4.28 49.35 -2.72
CA LEU F 10 3.42 49.06 -1.58
C LEU F 10 3.86 47.73 -0.94
N GLY F 11 3.69 47.61 0.35
CA GLY F 11 4.10 46.42 1.09
C GLY F 11 3.03 45.97 2.05
N ASP F 12 2.97 44.66 2.30
CA ASP F 12 1.97 44.09 3.19
C ASP F 12 2.16 44.52 4.65
N VAL F 13 1.06 44.70 5.38
CA VAL F 13 1.14 45.00 6.80
C VAL F 13 1.00 43.65 7.52
N THR F 14 2.02 43.29 8.32
CA THR F 14 2.07 42.02 9.06
C THR F 14 2.54 42.31 10.54
N PRO F 15 2.57 41.31 11.45
CA PRO F 15 2.94 41.61 12.85
C PRO F 15 4.35 42.14 13.11
N HIS F 16 5.33 41.84 12.23
CA HIS F 16 6.68 42.36 12.44
C HIS F 16 6.82 43.83 11.99
N ASN F 17 5.90 44.33 11.14
CA ASN F 17 5.96 45.74 10.70
C ASN F 17 4.76 46.58 11.18
N ILE F 18 3.85 46.00 12.00
CA ILE F 18 2.68 46.75 12.50
C ILE F 18 3.12 47.93 13.41
N LYS F 19 4.28 47.82 14.08
CA LYS F 19 4.82 48.89 14.91
C LYS F 19 5.29 50.09 14.06
N GLN F 20 5.74 49.82 12.83
CA GLN F 20 6.21 50.82 11.87
C GLN F 20 5.02 51.63 11.33
N LEU F 21 3.88 50.96 11.07
CA LEU F 21 2.64 51.60 10.62
C LEU F 21 2.07 52.51 11.72
N LYS F 22 2.22 52.13 13.00
CA LYS F 22 1.77 52.93 14.14
C LYS F 22 2.62 54.19 14.28
N ARG F 23 3.95 54.06 14.16
CA ARG F 23 4.88 55.20 14.24
C ARG F 23 4.55 56.21 13.14
N LEU F 24 4.24 55.73 11.92
CA LEU F 24 3.87 56.58 10.81
C LEU F 24 2.53 57.31 11.09
N ASN F 25 1.52 56.58 11.62
CA ASN F 25 0.21 57.15 11.94
C ASN F 25 0.29 58.20 13.05
N GLN F 26 1.16 57.98 14.04
CA GLN F 26 1.36 58.93 15.14
C GLN F 26 1.95 60.26 14.66
N VAL F 27 2.77 60.24 13.60
CA VAL F 27 3.42 61.42 13.06
C VAL F 27 2.55 62.16 12.02
N ILE F 28 1.87 61.41 11.15
CA ILE F 28 1.06 62.00 10.10
C ILE F 28 -0.30 62.51 10.60
N PHE F 29 -0.99 61.73 11.45
CA PHE F 29 -2.34 62.09 11.89
C PHE F 29 -2.42 62.65 13.35
N PRO F 30 -3.14 63.77 13.54
CA PRO F 30 -3.25 64.35 14.89
C PRO F 30 -4.04 63.52 15.90
N VAL F 31 -4.87 62.56 15.44
CA VAL F 31 -5.60 61.70 16.36
C VAL F 31 -4.82 60.39 16.61
N SER F 32 -4.97 59.83 17.83
CA SER F 32 -4.29 58.60 18.23
C SER F 32 -5.27 57.43 18.22
N TYR F 33 -4.80 56.24 17.81
CA TYR F 33 -5.67 55.07 17.74
C TYR F 33 -5.30 53.99 18.77
N ASN F 34 -6.29 53.20 19.20
CA ASN F 34 -6.09 52.14 20.18
C ASN F 34 -5.46 50.86 19.60
N ASP F 35 -5.12 49.88 20.46
CA ASP F 35 -4.54 48.61 20.01
C ASP F 35 -5.53 47.77 19.17
N LYS F 36 -6.84 47.99 19.35
CA LYS F 36 -7.88 47.28 18.60
C LYS F 36 -7.88 47.67 17.11
N PHE F 37 -7.50 48.94 16.81
CA PHE F 37 -7.39 49.47 15.45
C PHE F 37 -6.31 48.70 14.71
N TYR F 38 -5.11 48.60 15.31
CA TYR F 38 -3.97 47.89 14.73
C TYR F 38 -4.18 46.37 14.72
N LYS F 39 -5.00 45.84 15.66
CA LYS F 39 -5.36 44.42 15.68
C LYS F 39 -6.25 44.14 14.46
N ASP F 40 -7.23 45.02 14.20
CA ASP F 40 -8.14 44.89 13.05
C ASP F 40 -7.43 45.12 11.72
N VAL F 41 -6.40 46.01 11.71
CA VAL F 41 -5.60 46.30 10.52
C VAL F 41 -4.97 45.00 9.95
N LEU F 42 -4.53 44.08 10.82
CA LEU F 42 -3.93 42.81 10.41
C LEU F 42 -4.91 41.81 9.78
N GLU F 43 -6.23 41.99 10.03
CA GLU F 43 -7.28 41.12 9.53
C GLU F 43 -7.91 41.59 8.21
N VAL F 44 -7.64 42.85 7.77
CA VAL F 44 -8.26 43.34 6.53
C VAL F 44 -7.50 42.95 5.25
N GLY F 45 -6.31 42.40 5.38
CA GLY F 45 -5.52 41.95 4.23
C GLY F 45 -5.05 43.08 3.33
N GLU F 46 -5.36 42.99 2.01
CA GLU F 46 -5.02 43.98 1.00
C GLU F 46 -5.60 45.38 1.29
N LEU F 47 -6.58 45.47 2.21
CA LEU F 47 -7.15 46.76 2.60
C LEU F 47 -6.20 47.61 3.48
N ALA F 48 -5.02 47.06 3.85
CA ALA F 48 -4.03 47.79 4.62
C ALA F 48 -2.66 47.56 3.96
N LYS F 49 -1.98 48.66 3.61
CA LYS F 49 -0.68 48.61 2.94
C LYS F 49 0.25 49.68 3.47
N LEU F 50 1.54 49.37 3.50
CA LEU F 50 2.57 50.33 3.82
C LEU F 50 3.09 50.86 2.46
N ALA F 51 3.60 52.09 2.46
CA ALA F 51 4.10 52.72 1.23
C ALA F 51 5.59 52.95 1.41
N TYR F 52 6.38 52.58 0.40
CA TYR F 52 7.83 52.70 0.45
C TYR F 52 8.42 53.62 -0.63
N PHE F 53 9.33 54.52 -0.21
CA PHE F 53 10.09 55.36 -1.13
C PHE F 53 11.52 54.84 -1.04
N ASN F 54 12.04 54.22 -2.12
CA ASN F 54 13.38 53.61 -2.16
C ASN F 54 13.64 52.69 -0.94
N ASP F 55 12.62 51.85 -0.61
CA ASP F 55 12.57 50.86 0.47
C ASP F 55 12.47 51.46 1.87
N ILE F 56 12.13 52.76 1.98
CA ILE F 56 11.95 53.44 3.27
C ILE F 56 10.45 53.58 3.49
N ALA F 57 9.92 53.11 4.64
CA ALA F 57 8.48 53.23 4.91
C ALA F 57 8.12 54.68 5.15
N VAL F 58 7.42 55.29 4.19
CA VAL F 58 7.04 56.71 4.30
C VAL F 58 5.54 56.95 4.35
N GLY F 59 4.72 55.91 4.19
CA GLY F 59 3.27 56.08 4.21
C GLY F 59 2.51 54.82 4.54
N ALA F 60 1.19 54.95 4.68
CA ALA F 60 0.33 53.81 4.95
C ALA F 60 -1.12 54.15 4.66
N VAL F 61 -1.88 53.12 4.24
CA VAL F 61 -3.30 53.21 4.00
C VAL F 61 -4.01 52.04 4.76
N CYS F 62 -4.99 52.38 5.61
CA CYS F 62 -5.78 51.42 6.39
C CYS F 62 -7.23 51.61 6.00
N CYS F 63 -7.89 50.56 5.52
CA CYS F 63 -9.29 50.59 5.14
C CYS F 63 -10.06 49.45 5.82
N ARG F 64 -11.40 49.48 5.73
CA ARG F 64 -12.30 48.44 6.26
C ARG F 64 -13.63 48.46 5.47
N VAL F 65 -14.31 47.30 5.35
CA VAL F 65 -15.61 47.29 4.66
C VAL F 65 -16.68 47.67 5.67
N ASP F 66 -17.52 48.65 5.32
CA ASP F 66 -18.57 49.17 6.16
C ASP F 66 -19.94 48.86 5.55
N HIS F 67 -20.92 48.58 6.43
CA HIS F 67 -22.28 48.27 6.04
C HIS F 67 -23.22 49.21 6.79
N SER F 68 -23.39 50.43 6.24
CA SER F 68 -24.26 51.46 6.77
C SER F 68 -25.10 52.06 5.63
N GLN F 69 -26.23 52.74 5.97
CA GLN F 69 -27.14 53.35 5.00
C GLN F 69 -27.71 52.32 3.98
N ASN F 70 -27.76 51.03 4.40
CA ASN F 70 -28.19 49.86 3.61
C ASN F 70 -27.37 49.70 2.33
N GLN F 71 -26.05 49.99 2.45
CA GLN F 71 -25.07 49.96 1.36
C GLN F 71 -23.78 49.20 1.77
N LYS F 72 -23.00 48.76 0.78
CA LYS F 72 -21.67 48.16 1.01
C LYS F 72 -20.66 49.25 0.62
N ARG F 73 -20.04 49.90 1.62
CA ARG F 73 -19.15 51.04 1.39
C ARG F 73 -17.70 50.78 1.86
N LEU F 74 -16.67 51.27 1.12
CA LEU F 74 -15.29 51.10 1.58
C LEU F 74 -14.89 52.36 2.32
N TYR F 75 -14.52 52.23 3.58
CA TYR F 75 -14.16 53.36 4.40
C TYR F 75 -12.64 53.46 4.55
N ILE F 76 -12.04 54.61 4.16
CA ILE F 76 -10.60 54.81 4.33
C ILE F 76 -10.40 55.37 5.74
N MET F 77 -9.88 54.55 6.66
CA MET F 77 -9.69 55.01 8.04
C MET F 77 -8.53 55.97 8.11
N THR F 78 -7.37 55.61 7.53
CA THR F 78 -6.17 56.45 7.44
C THR F 78 -5.49 56.24 6.07
N LEU F 79 -4.95 57.30 5.49
CA LEU F 79 -4.25 57.28 4.21
C LEU F 79 -3.40 58.53 4.26
N GLY F 80 -2.11 58.35 4.40
CA GLY F 80 -1.20 59.47 4.49
C GLY F 80 0.23 59.10 4.26
N CYS F 81 1.03 60.13 4.02
CA CYS F 81 2.45 59.93 3.83
C CYS F 81 3.23 61.08 4.48
N LEU F 82 4.48 60.82 4.92
CA LEU F 82 5.33 61.81 5.59
C LEU F 82 5.46 63.07 4.74
N ALA F 83 5.32 64.23 5.39
CA ALA F 83 5.36 65.55 4.76
C ALA F 83 6.47 65.74 3.72
N PRO F 84 7.76 65.35 3.96
CA PRO F 84 8.78 65.57 2.91
C PRO F 84 8.71 64.70 1.69
N TYR F 85 7.87 63.66 1.70
CA TYR F 85 7.73 62.79 0.54
C TYR F 85 6.40 63.02 -0.21
N ARG F 86 5.63 64.06 0.18
CA ARG F 86 4.37 64.41 -0.47
C ARG F 86 4.57 65.00 -1.87
N ARG F 87 3.50 65.02 -2.71
CA ARG F 87 3.53 65.51 -4.10
C ARG F 87 4.53 64.76 -4.99
N LEU F 88 4.73 63.47 -4.70
CA LEU F 88 5.59 62.53 -5.43
C LEU F 88 4.79 61.33 -6.00
N GLY F 89 3.47 61.28 -5.78
CA GLY F 89 2.62 60.20 -6.25
C GLY F 89 2.41 59.05 -5.28
N ILE F 90 2.78 59.24 -3.99
CA ILE F 90 2.63 58.19 -2.97
C ILE F 90 1.18 58.04 -2.53
N GLY F 91 0.49 59.14 -2.27
CA GLY F 91 -0.92 59.10 -1.91
C GLY F 91 -1.76 58.50 -3.02
N THR F 92 -1.44 58.86 -4.28
CA THR F 92 -2.08 58.35 -5.48
C THR F 92 -1.88 56.84 -5.55
N LYS F 93 -0.64 56.35 -5.33
CA LYS F 93 -0.30 54.93 -5.38
C LYS F 93 -1.18 54.13 -4.40
N MET F 94 -1.37 54.67 -3.20
CA MET F 94 -2.21 54.07 -2.15
C MET F 94 -3.70 54.15 -2.49
N LEU F 95 -4.17 55.30 -3.00
CA LEU F 95 -5.58 55.46 -3.36
C LEU F 95 -5.97 54.58 -4.53
N ASN F 96 -5.09 54.46 -5.53
CA ASN F 96 -5.35 53.61 -6.70
C ASN F 96 -5.38 52.13 -6.32
N HIS F 97 -4.65 51.74 -5.25
CA HIS F 97 -4.67 50.39 -4.76
C HIS F 97 -6.07 50.04 -4.24
N VAL F 98 -6.65 50.89 -3.37
CA VAL F 98 -7.97 50.64 -2.81
C VAL F 98 -9.09 50.81 -3.86
N LEU F 99 -8.86 51.62 -4.90
CA LEU F 99 -9.84 51.78 -5.97
C LEU F 99 -9.84 50.53 -6.88
N ASN F 100 -8.65 49.93 -7.11
CA ASN F 100 -8.49 48.73 -7.93
C ASN F 100 -9.17 47.53 -7.24
N ILE F 101 -9.09 47.46 -5.92
CA ILE F 101 -9.72 46.41 -5.11
C ILE F 101 -11.25 46.49 -5.31
N CYS F 102 -11.82 47.69 -5.15
CA CYS F 102 -13.25 47.96 -5.29
C CYS F 102 -13.75 47.63 -6.69
N GLU F 103 -12.97 48.03 -7.70
CA GLU F 103 -13.32 47.79 -9.10
C GLU F 103 -13.32 46.30 -9.43
N LYS F 104 -12.37 45.54 -8.84
CA LYS F 104 -12.26 44.10 -9.06
C LYS F 104 -13.41 43.35 -8.43
N ASP F 105 -13.87 43.79 -7.25
CA ASP F 105 -14.96 43.18 -6.51
C ASP F 105 -16.34 43.49 -7.14
N GLY F 106 -16.59 44.75 -7.47
CA GLY F 106 -17.82 45.19 -8.12
C GLY F 106 -19.06 45.44 -7.27
N THR F 107 -19.09 44.95 -6.02
CA THR F 107 -20.25 45.09 -5.14
C THR F 107 -20.24 46.32 -4.23
N PHE F 108 -19.25 47.23 -4.38
CA PHE F 108 -19.23 48.43 -3.55
C PHE F 108 -20.10 49.52 -4.15
N ASP F 109 -20.91 50.18 -3.30
CA ASP F 109 -21.77 51.28 -3.72
C ASP F 109 -20.92 52.55 -3.83
N ASN F 110 -20.02 52.77 -2.85
CA ASN F 110 -19.18 53.95 -2.82
C ASN F 110 -17.94 53.74 -1.92
N ILE F 111 -17.06 54.75 -1.89
CA ILE F 111 -15.89 54.81 -1.02
C ILE F 111 -15.94 56.16 -0.30
N TYR F 112 -15.84 56.16 1.03
CA TYR F 112 -15.92 57.42 1.78
C TYR F 112 -14.88 57.53 2.90
N LEU F 113 -14.69 58.74 3.45
CA LEU F 113 -13.71 59.03 4.49
C LEU F 113 -13.97 60.38 5.18
N HIS F 114 -13.22 60.65 6.26
CA HIS F 114 -13.33 61.88 7.05
C HIS F 114 -12.03 62.70 6.98
N VAL F 115 -12.17 63.98 6.63
CA VAL F 115 -11.06 64.91 6.55
C VAL F 115 -11.44 66.13 7.39
N GLN F 116 -10.52 66.63 8.23
CA GLN F 116 -10.69 67.86 9.01
C GLN F 116 -10.97 69.03 8.02
N ILE F 117 -11.93 69.94 8.31
CA ILE F 117 -12.30 71.02 7.37
C ILE F 117 -11.10 71.92 6.92
N SER F 118 -10.07 72.08 7.77
CA SER F 118 -8.90 72.91 7.46
C SER F 118 -7.91 72.24 6.49
N ASN F 119 -8.07 70.93 6.23
CA ASN F 119 -7.14 70.19 5.40
C ASN F 119 -7.36 70.42 3.91
N GLU F 120 -6.86 71.55 3.37
CA GLU F 120 -7.00 71.90 1.96
C GLU F 120 -6.29 70.96 1.01
N SER F 121 -5.12 70.43 1.41
CA SER F 121 -4.37 69.51 0.54
C SER F 121 -5.09 68.17 0.34
N ALA F 122 -5.76 67.65 1.40
CA ALA F 122 -6.52 66.40 1.30
C ALA F 122 -7.80 66.60 0.51
N ILE F 123 -8.47 67.77 0.68
CA ILE F 123 -9.69 68.06 -0.08
C ILE F 123 -9.32 68.15 -1.55
N ASP F 124 -8.23 68.88 -1.89
CA ASP F 124 -7.77 69.01 -3.28
C ASP F 124 -7.38 67.67 -3.86
N PHE F 125 -6.65 66.85 -3.09
CA PHE F 125 -6.22 65.50 -3.48
C PHE F 125 -7.44 64.60 -3.81
N TYR F 126 -8.38 64.42 -2.88
CA TYR F 126 -9.55 63.57 -3.14
C TYR F 126 -10.47 64.15 -4.23
N ARG F 127 -10.61 65.48 -4.30
CA ARG F 127 -11.44 66.13 -5.33
C ARG F 127 -10.92 65.88 -6.75
N LYS F 128 -9.63 65.53 -6.90
CA LYS F 128 -9.00 65.19 -8.19
C LYS F 128 -9.42 63.78 -8.64
N PHE F 129 -9.63 62.87 -7.68
CA PHE F 129 -10.02 61.48 -7.94
C PHE F 129 -11.55 61.26 -8.10
N GLY F 130 -12.33 62.33 -8.08
CA GLY F 130 -13.78 62.23 -8.25
C GLY F 130 -14.59 62.26 -6.98
N PHE F 131 -13.95 62.48 -5.83
CA PHE F 131 -14.64 62.54 -4.56
C PHE F 131 -15.37 63.88 -4.38
N GLU F 132 -16.41 63.89 -3.55
CA GLU F 132 -17.20 65.10 -3.29
C GLU F 132 -17.42 65.26 -1.80
N ILE F 133 -17.56 66.51 -1.32
CA ILE F 133 -17.90 66.71 0.08
C ILE F 133 -19.42 66.48 0.11
N ILE F 134 -19.88 65.41 0.77
CA ILE F 134 -21.29 65.10 0.83
C ILE F 134 -21.94 65.49 2.17
N GLU F 135 -21.16 66.02 3.14
CA GLU F 135 -21.64 66.41 4.46
C GLU F 135 -20.51 67.00 5.30
N THR F 136 -20.82 67.90 6.23
CA THR F 136 -19.82 68.45 7.14
C THR F 136 -20.28 68.18 8.56
N LYS F 137 -19.74 67.12 9.18
CA LYS F 137 -20.07 66.73 10.53
C LYS F 137 -19.42 67.67 11.53
N LYS F 138 -20.25 68.55 12.13
CA LYS F 138 -19.78 69.51 13.12
C LYS F 138 -19.33 68.82 14.40
N ASN F 139 -18.10 69.12 14.83
CA ASN F 139 -17.45 68.55 16.01
C ASN F 139 -17.40 67.02 15.98
N TYR F 140 -16.59 66.49 15.06
CA TYR F 140 -16.38 65.05 14.86
C TYR F 140 -15.14 64.58 15.65
N TYR F 141 -14.11 65.44 15.71
CA TYR F 141 -12.87 65.17 16.43
C TYR F 141 -12.92 65.81 17.82
N LYS F 142 -12.93 64.98 18.87
CA LYS F 142 -13.08 65.43 20.26
C LYS F 142 -11.90 66.26 20.83
N ARG F 143 -10.66 65.74 20.78
CA ARG F 143 -9.52 66.43 21.38
C ARG F 143 -8.89 67.51 20.52
N ILE F 144 -8.97 67.40 19.19
CA ILE F 144 -8.30 68.35 18.31
C ILE F 144 -9.18 69.44 17.71
N GLU F 145 -8.54 70.57 17.31
CA GLU F 145 -9.18 71.72 16.67
C GLU F 145 -8.44 72.00 15.34
N PRO F 146 -9.16 72.21 14.22
CA PRO F 146 -10.64 72.20 14.09
C PRO F 146 -11.27 70.85 14.31
N ALA F 147 -12.38 70.84 15.04
CA ALA F 147 -13.11 69.62 15.34
C ALA F 147 -14.01 69.20 14.16
N ASP F 148 -14.47 70.16 13.33
CA ASP F 148 -15.36 69.92 12.19
C ASP F 148 -14.69 69.08 11.09
N ALA F 149 -15.40 68.06 10.59
CA ALA F 149 -14.88 67.19 9.55
C ALA F 149 -15.80 67.08 8.35
N HIS F 150 -15.23 67.20 7.15
CA HIS F 150 -15.94 66.98 5.90
C HIS F 150 -16.02 65.46 5.67
N VAL F 151 -17.07 65.02 4.95
CA VAL F 151 -17.21 63.62 4.59
C VAL F 151 -17.01 63.60 3.11
N LEU F 152 -15.91 63.01 2.64
CA LEU F 152 -15.62 62.95 1.22
C LEU F 152 -16.09 61.60 0.69
N GLN F 153 -16.81 61.58 -0.45
CA GLN F 153 -17.30 60.32 -1.01
C GLN F 153 -17.21 60.27 -2.53
N LYS F 154 -16.80 59.10 -3.05
CA LYS F 154 -16.75 58.84 -4.49
C LYS F 154 -17.73 57.70 -4.76
N ASN F 155 -18.72 57.95 -5.62
CA ASN F 155 -19.73 56.94 -5.96
C ASN F 155 -19.23 55.91 -6.97
N LEU F 156 -19.40 54.62 -6.63
CA LEU F 156 -19.01 53.47 -7.46
C LEU F 156 -20.28 52.71 -7.91
N MET G 2 -12.48 -13.76 22.61
CA MET G 2 -11.92 -14.36 23.83
C MET G 2 -12.32 -15.84 23.90
N LEU G 3 -11.39 -16.69 23.44
CA LEU G 3 -11.57 -18.15 23.48
C LEU G 3 -11.62 -18.59 24.96
N GLY G 4 -12.52 -19.53 25.24
CA GLY G 4 -12.58 -20.13 26.57
C GLY G 4 -11.86 -21.49 26.41
N PRO G 5 -10.63 -21.62 26.96
CA PRO G 5 -9.90 -22.93 26.85
C PRO G 5 -10.22 -23.84 27.91
N MET H 2 15.66 -2.56 -7.59
CA MET H 2 15.10 -2.76 -8.92
C MET H 2 15.19 -4.25 -9.25
N LEU H 3 14.08 -4.94 -8.97
CA LEU H 3 13.97 -6.38 -9.32
C LEU H 3 14.00 -6.49 -10.87
N GLY H 4 14.71 -7.51 -11.36
CA GLY H 4 14.72 -7.81 -12.80
C GLY H 4 13.72 -8.98 -12.96
N PRO H 5 12.50 -8.72 -13.45
CA PRO H 5 11.50 -9.85 -13.60
C PRO H 5 11.77 -10.63 -14.73
N MET I 2 -11.65 -51.20 11.06
CA MET I 2 -12.64 -51.69 10.10
C MET I 2 -13.57 -52.69 10.81
N LEU I 3 -14.69 -52.14 11.31
CA LEU I 3 -15.75 -52.93 11.91
C LEU I 3 -16.35 -53.83 10.80
N GLY I 4 -16.67 -55.07 11.19
CA GLY I 4 -17.34 -56.00 10.29
C GLY I 4 -18.79 -55.94 10.76
N PRO I 5 -19.71 -55.33 9.97
CA PRO I 5 -21.15 -55.24 10.42
C PRO I 5 -21.97 -56.35 10.07
N MET J 2 -0.26 -29.41 -15.92
CA MET J 2 -1.30 -28.79 -16.76
C MET J 2 -1.44 -27.28 -16.44
N LEU J 3 -0.68 -26.47 -17.18
CA LEU J 3 -0.72 -25.00 -17.04
C LEU J 3 -2.14 -24.48 -17.35
N GLY J 4 -2.54 -23.43 -16.61
CA GLY J 4 -3.83 -22.77 -16.82
C GLY J 4 -3.52 -21.46 -17.56
N PRO J 5 -3.86 -21.34 -18.87
CA PRO J 5 -3.59 -20.09 -19.66
C PRO J 5 -4.65 -19.14 -19.69
N MET K 2 5.62 31.20 -12.81
CA MET K 2 4.30 31.40 -13.44
C MET K 2 3.32 31.99 -12.42
N LEU K 3 3.20 33.33 -12.49
CA LEU K 3 2.26 34.07 -11.62
C LEU K 3 0.83 33.69 -12.05
N GLY K 4 -0.03 33.54 -11.05
CA GLY K 4 -1.46 33.26 -11.25
C GLY K 4 -2.15 34.60 -10.98
N PRO K 5 -2.56 35.31 -12.06
CA PRO K 5 -3.23 36.64 -11.87
C PRO K 5 -4.58 36.52 -11.52
N MET L 2 -9.05 60.13 7.90
CA MET L 2 -8.70 60.24 9.32
C MET L 2 -9.97 59.99 10.18
N LEU L 3 -10.06 58.75 10.65
CA LEU L 3 -11.16 58.31 11.52
C LEU L 3 -10.99 58.97 12.90
N GLY L 4 -12.14 59.32 13.50
CA GLY L 4 -12.18 59.90 14.85
C GLY L 4 -12.69 58.79 15.78
N PRO L 5 -11.79 58.17 16.60
CA PRO L 5 -12.20 57.09 17.55
C PRO L 5 -12.62 57.55 18.84
#